data_5A2S
#
_entry.id   5A2S
#
_cell.length_a   52.948
_cell.length_b   82.141
_cell.length_c   161.626
_cell.angle_alpha   90.00
_cell.angle_beta   90.00
_cell.angle_gamma   90.00
#
_symmetry.space_group_name_H-M   'P 2 21 21'
#
loop_
_entity.id
_entity.type
_entity.pdbx_description
1 polymer 'HISTONE DEACETYLASE 4'
2 non-polymer (1S,2S,3S)-1-fluoranyl-2-[4-(5-fluoranylpyrimidin-2-yl)phenyl]-N-oxidanyl-3-phenyl-cyclopropane-1-carboxamide
3 non-polymer 'ZINC ION'
4 non-polymer 'SODIUM ION'
5 water water
#
_entity_poly.entity_id   1
_entity_poly.type   'polypeptide(L)'
_entity_poly.pdbx_seq_one_letter_code
;MGSTKPRFTTGLVYDTLMLKHQCTCGSSSSHPEHAGRIQSIWSRLQETGLRGKCECIRGRKATLEELQTVHSEAHTLLYG
TNPANRQKLDSKKLLGSLASVFVRLPCGGVGVDSDTIWNEVHSAGAARLAVGCVVELVFKVATGELKNGFAVVRPPGHHA
EESTPMGFCYFNSVAVAAKLLQQRLSVSKILIVDWDVHHGNGTQQAFYSDPSVLYMSLHRYDDGNFFPGSGAPDEVGTGP
GVGFNVNMAFTGGLDPPMGDAEYLAAFRTVVMPIASEFAPDVVLVSSGFDAVEGHPTPLGGYNLSARCFGYLTKQLMGLA
GGRIVLALEGGHDLTAICDASEACVSALLGNELDPLPEKVLQQRPNANAVRSMEKVMEIHSKYWRCLQRHHHHHH
;
_entity_poly.pdbx_strand_id   A,B
#
# COMPACT_ATOMS: atom_id res chain seq x y z
N THR A 9 -16.51 23.34 18.66
CA THR A 9 -15.17 22.69 18.84
C THR A 9 -15.30 21.16 18.73
N THR A 10 -14.21 20.52 18.30
CA THR A 10 -14.22 19.12 17.91
C THR A 10 -13.57 18.26 18.99
N GLY A 11 -14.23 17.16 19.36
CA GLY A 11 -13.75 16.33 20.45
C GLY A 11 -12.97 15.12 19.97
N LEU A 12 -11.99 14.70 20.77
CA LEU A 12 -11.32 13.43 20.59
C LEU A 12 -11.35 12.64 21.91
N VAL A 13 -11.19 11.33 21.83
CA VAL A 13 -11.11 10.49 23.01
C VAL A 13 -10.22 9.28 22.75
N TYR A 14 -9.39 8.97 23.74
CA TYR A 14 -8.36 7.95 23.62
C TYR A 14 -7.83 7.63 25.03
N ASP A 15 -7.53 6.35 25.28
CA ASP A 15 -7.10 5.92 26.60
C ASP A 15 -6.21 4.69 26.50
N THR A 16 -5.04 4.73 27.15
CA THR A 16 -4.03 3.68 27.00
C THR A 16 -4.39 2.35 27.66
N LEU A 17 -5.39 2.30 28.54
CA LEU A 17 -5.81 1.03 29.11
C LEU A 17 -6.46 0.10 28.05
N MET A 18 -6.84 0.67 26.90
CA MET A 18 -7.22 -0.12 25.74
C MET A 18 -6.02 -0.79 25.06
N LEU A 19 -4.80 -0.40 25.45
CA LEU A 19 -3.59 -1.02 24.88
C LEU A 19 -3.25 -2.35 25.54
N LYS A 20 -3.97 -2.70 26.60
CA LYS A 20 -3.66 -3.92 27.35
C LYS A 20 -4.43 -5.14 26.87
N HIS A 21 -5.44 -4.94 26.03
CA HIS A 21 -6.11 -6.05 25.35
C HIS A 21 -5.15 -6.69 24.40
N GLN A 22 -4.50 -7.75 24.88
CA GLN A 22 -3.46 -8.47 24.13
C GLN A 22 -3.48 -9.94 24.50
N CYS A 23 -3.17 -10.79 23.53
CA CYS A 23 -3.23 -12.23 23.70
C CYS A 23 -2.24 -12.74 24.72
N THR A 24 -2.63 -13.74 25.50
CA THR A 24 -1.76 -14.32 26.52
C THR A 24 -0.53 -15.01 25.95
N CYS A 25 -0.50 -15.31 24.65
CA CYS A 25 0.71 -15.87 24.00
C CYS A 25 1.90 -14.93 24.14
N GLY A 26 1.65 -13.62 24.07
CA GLY A 26 2.68 -12.62 24.35
C GLY A 26 3.19 -11.88 23.14
N SER A 27 3.03 -12.48 21.95
CA SER A 27 3.41 -11.84 20.70
C SER A 27 2.18 -11.39 19.89
N SER A 28 1.99 -10.07 19.79
CA SER A 28 0.87 -9.50 19.05
C SER A 28 0.93 -9.78 17.55
N SER A 29 2.08 -10.26 17.08
CA SER A 29 2.30 -10.60 15.68
C SER A 29 1.47 -11.80 15.16
N SER A 30 0.69 -12.44 16.03
CA SER A 30 -0.23 -13.49 15.58
C SER A 30 -1.64 -12.94 15.39
N HIS A 31 -1.82 -11.62 15.62
CA HIS A 31 -3.16 -11.04 15.74
C HIS A 31 -3.33 -9.69 15.05
N PRO A 32 -4.22 -9.63 14.04
CA PRO A 32 -4.36 -8.37 13.28
C PRO A 32 -4.91 -7.19 14.07
N GLU A 33 -5.92 -7.38 14.91
CA GLU A 33 -6.45 -6.28 15.71
C GLU A 33 -5.49 -6.05 16.88
N HIS A 34 -4.49 -5.19 16.69
CA HIS A 34 -3.40 -5.04 17.69
C HIS A 34 -3.27 -3.66 18.29
N ALA A 35 -2.67 -3.62 19.48
CA ALA A 35 -2.45 -2.38 20.23
C ALA A 35 -1.83 -1.27 19.40
N GLY A 36 -0.86 -1.62 18.56
CA GLY A 36 -0.24 -0.65 17.66
C GLY A 36 -1.23 0.19 16.85
N ARG A 37 -2.37 -0.40 16.50
CA ARG A 37 -3.35 0.28 15.65
C ARG A 37 -3.76 1.65 16.20
N ILE A 38 -4.36 1.67 17.40
CA ILE A 38 -4.83 2.93 17.98
C ILE A 38 -3.67 3.80 18.40
N GLN A 39 -2.57 3.17 18.80
CA GLN A 39 -1.36 3.86 19.22
C GLN A 39 -0.77 4.74 18.12
N SER A 40 -0.72 4.20 16.91
CA SER A 40 -0.12 4.93 15.79
C SER A 40 -1.04 6.04 15.26
N ILE A 41 -2.35 5.77 15.22
CA ILE A 41 -3.32 6.81 14.89
C ILE A 41 -3.14 8.00 15.81
N TRP A 42 -2.95 7.72 17.09
CA TRP A 42 -2.87 8.76 18.09
C TRP A 42 -1.67 9.63 17.87
N SER A 43 -0.53 9.02 17.57
CA SER A 43 0.66 9.85 17.40
C SER A 43 0.59 10.65 16.09
N ARG A 44 -0.04 10.09 15.07
CA ARG A 44 -0.24 10.80 13.81
C ARG A 44 -1.04 12.10 14.01
N LEU A 45 -2.11 12.04 14.81
CA LEU A 45 -2.90 13.24 15.12
C LEU A 45 -2.10 14.22 15.99
N GLN A 46 -1.16 13.71 16.77
CA GLN A 46 -0.35 14.55 17.61
C GLN A 46 0.68 15.30 16.77
N GLU A 47 1.44 14.57 15.97
CA GLU A 47 2.59 15.18 15.28
C GLU A 47 2.16 16.06 14.09
N THR A 48 0.94 15.86 13.61
CA THR A 48 0.36 16.72 12.58
C THR A 48 -0.36 17.94 13.16
N GLY A 49 -0.37 18.07 14.48
CA GLY A 49 -0.99 19.21 15.15
C GLY A 49 -2.50 19.19 15.26
N LEU A 50 -3.15 18.14 14.74
CA LEU A 50 -4.63 18.05 14.74
C LEU A 50 -5.20 17.78 16.14
N ARG A 51 -4.50 16.97 16.92
CA ARG A 51 -4.92 16.65 18.28
C ARG A 51 -5.00 17.90 19.16
N GLY A 52 -3.94 18.72 19.10
CA GLY A 52 -3.83 19.94 19.88
C GLY A 52 -4.92 20.95 19.56
N LYS A 53 -5.57 20.79 18.42
CA LYS A 53 -6.73 21.63 18.07
C LYS A 53 -8.08 21.00 18.47
N CYS A 54 -8.07 19.91 19.24
CA CYS A 54 -9.31 19.27 19.68
C CYS A 54 -9.45 19.24 21.21
N GLU A 55 -10.69 19.13 21.67
CA GLU A 55 -10.98 18.86 23.07
C GLU A 55 -10.77 17.36 23.31
N CYS A 56 -9.83 17.00 24.17
CA CYS A 56 -9.55 15.61 24.50
C CYS A 56 -10.22 15.23 25.82
N ILE A 57 -11.31 14.46 25.75
CA ILE A 57 -12.11 14.17 26.93
C ILE A 57 -11.60 12.97 27.71
N ARG A 58 -11.92 12.94 29.01
CA ARG A 58 -11.69 11.78 29.87
C ARG A 58 -12.80 10.77 29.60
N GLY A 59 -12.43 9.58 29.13
CA GLY A 59 -13.39 8.49 28.96
C GLY A 59 -13.50 7.69 30.26
N ARG A 60 -14.51 6.82 30.33
CA ARG A 60 -14.67 5.90 31.47
C ARG A 60 -15.02 4.48 30.97
N LYS A 61 -15.19 3.56 31.91
CA LYS A 61 -15.74 2.24 31.58
C LYS A 61 -17.26 2.36 31.59
N ALA A 62 -17.92 1.64 30.69
CA ALA A 62 -19.38 1.57 30.68
C ALA A 62 -19.84 0.68 31.82
N THR A 63 -21.05 0.91 32.32
CA THR A 63 -21.64 0.02 33.34
C THR A 63 -22.17 -1.23 32.66
N LEU A 64 -22.39 -2.28 33.46
CA LEU A 64 -23.03 -3.47 32.93
C LEU A 64 -24.44 -3.11 32.48
N GLU A 65 -25.10 -2.20 33.20
CA GLU A 65 -26.46 -1.76 32.87
C GLU A 65 -26.50 -1.15 31.47
N GLU A 66 -25.59 -0.22 31.20
CA GLU A 66 -25.47 0.37 29.85
C GLU A 66 -25.28 -0.73 28.79
N LEU A 67 -24.31 -1.62 29.01
CA LEU A 67 -24.04 -2.72 28.09
C LEU A 67 -25.28 -3.59 27.83
N GLN A 68 -26.14 -3.73 28.83
CA GLN A 68 -27.33 -4.56 28.70
C GLN A 68 -28.46 -3.92 27.88
N THR A 69 -28.28 -2.68 27.45
CA THR A 69 -29.21 -2.08 26.48
C THR A 69 -29.17 -2.85 25.15
N VAL A 70 -28.00 -3.40 24.81
CA VAL A 70 -27.81 -4.19 23.60
C VAL A 70 -27.58 -5.67 23.85
N HIS A 71 -26.86 -6.02 24.92
CA HIS A 71 -26.39 -7.38 25.15
C HIS A 71 -27.06 -8.07 26.30
N SER A 72 -27.12 -9.40 26.25
CA SER A 72 -27.75 -10.17 27.32
C SER A 72 -26.97 -9.95 28.61
N GLU A 73 -27.66 -10.12 29.74
CA GLU A 73 -27.03 -10.04 31.05
C GLU A 73 -25.88 -11.04 31.17
N ALA A 74 -26.13 -12.27 30.70
CA ALA A 74 -25.12 -13.33 30.66
C ALA A 74 -23.85 -12.89 29.94
N HIS A 75 -24.02 -12.45 28.70
CA HIS A 75 -22.89 -11.95 27.90
C HIS A 75 -22.15 -10.84 28.64
N THR A 76 -22.88 -9.88 29.22
CA THR A 76 -22.23 -8.76 29.91
C THR A 76 -21.42 -9.23 31.12
N LEU A 77 -21.91 -10.22 31.85
CA LEU A 77 -21.17 -10.76 33.02
C LEU A 77 -19.92 -11.47 32.57
N LEU A 78 -20.06 -12.26 31.51
CA LEU A 78 -18.98 -13.06 30.97
C LEU A 78 -17.82 -12.17 30.51
N TYR A 79 -18.10 -11.24 29.61
CA TYR A 79 -17.07 -10.45 28.95
C TYR A 79 -16.82 -9.07 29.57
N GLY A 80 -17.48 -8.78 30.69
CA GLY A 80 -17.41 -7.45 31.33
C GLY A 80 -16.85 -7.43 32.73
N THR A 81 -16.49 -8.59 33.28
CA THR A 81 -15.95 -8.68 34.62
C THR A 81 -14.68 -9.51 34.68
N ASN A 82 -13.89 -9.26 35.72
CA ASN A 82 -12.77 -10.13 36.07
C ASN A 82 -13.34 -11.36 36.79
N PRO A 83 -12.59 -12.48 36.79
CA PRO A 83 -13.09 -13.76 37.34
C PRO A 83 -13.76 -13.72 38.71
N ALA A 84 -13.22 -12.95 39.65
CA ALA A 84 -13.78 -12.88 40.99
C ALA A 84 -15.22 -12.30 41.00
N ASN A 85 -15.39 -11.10 40.47
CA ASN A 85 -16.69 -10.45 40.41
C ASN A 85 -17.69 -11.13 39.47
N ARG A 86 -17.19 -11.83 38.45
CA ARG A 86 -18.08 -12.58 37.54
C ARG A 86 -18.93 -13.55 38.35
N GLN A 87 -18.29 -14.23 39.30
CA GLN A 87 -19.00 -15.19 40.15
C GLN A 87 -19.85 -14.49 41.22
N LYS A 88 -19.28 -13.48 41.89
CA LYS A 88 -20.00 -12.70 42.89
C LYS A 88 -21.25 -12.02 42.31
N LEU A 89 -21.11 -11.38 41.15
CA LEU A 89 -22.23 -10.63 40.56
C LEU A 89 -23.31 -11.48 39.90
N ASP A 90 -22.99 -12.71 39.49
CA ASP A 90 -23.99 -13.57 38.85
C ASP A 90 -24.86 -14.32 39.87
N SER A 91 -25.66 -13.56 40.63
CA SER A 91 -26.54 -14.15 41.64
C SER A 91 -27.68 -14.97 41.01
N LYS A 92 -28.07 -14.61 39.80
CA LYS A 92 -29.15 -15.32 39.08
C LYS A 92 -28.69 -16.67 38.53
N LYS A 93 -27.39 -16.94 38.62
CA LYS A 93 -26.77 -18.16 38.09
C LYS A 93 -27.13 -18.35 36.61
N LEU A 94 -26.98 -17.27 35.84
CA LEU A 94 -27.23 -17.30 34.40
C LEU A 94 -26.16 -18.07 33.61
N LEU A 95 -24.88 -17.92 33.97
CA LEU A 95 -23.77 -18.59 33.26
C LEU A 95 -23.60 -20.08 33.61
N GLY A 96 -23.20 -20.88 32.62
CA GLY A 96 -22.90 -22.29 32.84
C GLY A 96 -21.47 -22.50 33.33
N SER A 97 -20.72 -23.32 32.60
CA SER A 97 -19.33 -23.63 32.96
C SER A 97 -18.38 -22.92 32.00
N LEU A 98 -17.39 -22.21 32.54
CA LEU A 98 -16.40 -21.52 31.72
C LEU A 98 -15.59 -22.48 30.83
N ALA A 99 -15.37 -23.70 31.31
CA ALA A 99 -14.76 -24.76 30.50
C ALA A 99 -15.48 -24.97 29.15
N SER A 100 -16.75 -24.61 29.09
CA SER A 100 -17.52 -24.66 27.85
C SER A 100 -17.26 -23.47 26.90
N VAL A 101 -16.43 -22.52 27.33
CA VAL A 101 -16.21 -21.28 26.56
C VAL A 101 -14.80 -21.16 26.02
N PHE A 102 -13.80 -21.33 26.87
CA PHE A 102 -12.41 -21.06 26.49
C PHE A 102 -11.76 -22.16 25.69
N VAL A 103 -11.15 -21.78 24.57
CA VAL A 103 -10.40 -22.73 23.74
C VAL A 103 -8.96 -22.28 23.70
N ARG A 104 -8.06 -23.19 23.33
CA ARG A 104 -6.67 -22.84 23.10
C ARG A 104 -6.54 -22.53 21.60
N LEU A 105 -5.67 -21.57 21.29
CA LEU A 105 -5.48 -21.09 19.93
C LEU A 105 -4.13 -21.54 19.38
N PRO A 106 -3.97 -21.58 18.04
CA PRO A 106 -2.73 -22.07 17.45
C PRO A 106 -1.49 -21.38 17.97
N CYS A 107 -1.59 -20.08 18.26
CA CYS A 107 -0.46 -19.31 18.78
C CYS A 107 -0.10 -19.67 20.22
N GLY A 108 -0.90 -20.51 20.87
CA GLY A 108 -0.64 -20.92 22.25
C GLY A 108 -1.44 -20.13 23.27
N GLY A 109 -2.19 -19.13 22.81
CA GLY A 109 -2.99 -18.28 23.70
C GLY A 109 -4.41 -18.75 23.84
N VAL A 110 -5.12 -18.15 24.78
CA VAL A 110 -6.51 -18.52 25.08
C VAL A 110 -7.48 -17.71 24.23
N GLY A 111 -8.43 -18.41 23.63
CA GLY A 111 -9.43 -17.78 22.75
C GLY A 111 -10.83 -18.04 23.23
N VAL A 112 -11.79 -17.39 22.57
CA VAL A 112 -13.23 -17.62 22.79
C VAL A 112 -13.85 -18.37 21.60
N ASP A 113 -13.30 -18.17 20.40
CA ASP A 113 -13.57 -19.03 19.25
C ASP A 113 -12.24 -19.29 18.54
N SER A 114 -12.29 -19.80 17.31
CA SER A 114 -11.06 -20.16 16.57
C SER A 114 -10.06 -19.01 16.31
N ASP A 115 -10.44 -17.76 16.60
CA ASP A 115 -9.51 -16.64 16.43
C ASP A 115 -9.74 -15.36 17.26
N THR A 116 -10.87 -15.22 17.97
CA THR A 116 -11.06 -14.11 18.90
C THR A 116 -10.35 -14.42 20.23
N ILE A 117 -9.50 -13.49 20.68
CA ILE A 117 -8.67 -13.73 21.87
C ILE A 117 -9.39 -13.35 23.16
N TRP A 118 -8.87 -13.82 24.29
CA TRP A 118 -9.34 -13.34 25.59
C TRP A 118 -8.29 -13.32 26.68
N ASN A 119 -7.98 -12.12 27.17
CA ASN A 119 -7.08 -11.92 28.29
C ASN A 119 -7.91 -11.73 29.55
N GLU A 120 -7.91 -12.75 30.40
CA GLU A 120 -8.74 -12.78 31.60
C GLU A 120 -8.35 -11.68 32.61
N VAL A 121 -7.17 -11.11 32.47
CA VAL A 121 -6.77 -9.99 33.32
C VAL A 121 -7.14 -8.60 32.73
N HIS A 122 -7.06 -8.42 31.40
CA HIS A 122 -7.21 -7.07 30.80
C HIS A 122 -8.34 -6.85 29.81
N SER A 123 -8.81 -7.89 29.14
CA SER A 123 -9.82 -7.73 28.08
C SER A 123 -11.15 -7.13 28.56
N ALA A 124 -11.63 -7.53 29.73
CA ALA A 124 -12.91 -7.03 30.24
C ALA A 124 -12.87 -5.51 30.44
N GLY A 125 -11.83 -5.03 31.12
CA GLY A 125 -11.65 -3.59 31.32
C GLY A 125 -11.49 -2.79 30.03
N ALA A 126 -10.68 -3.28 29.10
CA ALA A 126 -10.48 -2.60 27.81
C ALA A 126 -11.76 -2.52 27.00
N ALA A 127 -12.58 -3.57 27.03
CA ALA A 127 -13.79 -3.61 26.22
C ALA A 127 -14.83 -2.61 26.75
N ARG A 128 -14.93 -2.49 28.06
CA ARG A 128 -15.89 -1.58 28.67
C ARG A 128 -15.42 -0.14 28.52
N LEU A 129 -14.12 0.03 28.38
CA LEU A 129 -13.54 1.35 28.18
C LEU A 129 -13.78 1.84 26.76
N ALA A 130 -13.81 0.91 25.81
CA ALA A 130 -14.13 1.22 24.42
C ALA A 130 -15.56 1.74 24.29
N VAL A 131 -16.48 1.06 24.96
CA VAL A 131 -17.89 1.48 24.95
C VAL A 131 -18.03 2.82 25.67
N GLY A 132 -17.45 2.90 26.87
CA GLY A 132 -17.55 4.09 27.70
C GLY A 132 -17.03 5.35 27.06
N CYS A 133 -15.88 5.24 26.39
CA CYS A 133 -15.32 6.36 25.65
C CYS A 133 -16.28 6.89 24.57
N VAL A 134 -16.77 5.99 23.73
CA VAL A 134 -17.67 6.35 22.63
C VAL A 134 -18.94 6.99 23.16
N VAL A 135 -19.48 6.43 24.24
CA VAL A 135 -20.71 6.95 24.87
C VAL A 135 -20.50 8.39 25.28
N GLU A 136 -19.52 8.63 26.17
CA GLU A 136 -19.17 10.00 26.62
C GLU A 136 -19.07 10.98 25.46
N LEU A 137 -18.27 10.64 24.46
CA LEU A 137 -18.13 11.53 23.31
C LEU A 137 -19.49 11.82 22.67
N VAL A 138 -20.27 10.77 22.44
CA VAL A 138 -21.56 10.89 21.74
C VAL A 138 -22.53 11.78 22.52
N PHE A 139 -22.62 11.51 23.81
CA PHE A 139 -23.43 12.34 24.72
C PHE A 139 -22.99 13.81 24.77
N LYS A 140 -21.70 14.09 24.61
CA LYS A 140 -21.25 15.50 24.56
C LYS A 140 -21.71 16.21 23.27
N VAL A 141 -21.73 15.47 22.16
CA VAL A 141 -22.19 15.99 20.87
C VAL A 141 -23.72 16.20 20.86
N ALA A 142 -24.46 15.32 21.51
CA ALA A 142 -25.93 15.36 21.49
C ALA A 142 -26.49 16.47 22.38
N THR A 143 -25.69 16.93 23.35
CA THR A 143 -26.15 17.88 24.36
C THR A 143 -25.60 19.27 24.13
N GLY A 144 -25.00 19.50 22.95
CA GLY A 144 -24.48 20.83 22.58
C GLY A 144 -23.12 21.19 23.17
N GLU A 145 -22.53 20.28 23.95
CA GLU A 145 -21.25 20.53 24.59
C GLU A 145 -20.13 20.59 23.54
N LEU A 146 -20.27 19.80 22.48
CA LEU A 146 -19.31 19.82 21.37
C LEU A 146 -20.07 19.77 20.05
N LYS A 147 -19.36 20.15 18.98
CA LYS A 147 -19.93 20.16 17.65
C LYS A 147 -19.94 18.74 17.08
N ASN A 148 -18.80 18.07 17.17
CA ASN A 148 -18.60 16.75 16.57
C ASN A 148 -17.47 16.00 17.29
N GLY A 149 -17.08 14.82 16.78
CA GLY A 149 -15.94 14.12 17.39
C GLY A 149 -15.47 12.84 16.72
N PHE A 150 -14.34 12.33 17.22
CA PHE A 150 -13.75 11.09 16.73
C PHE A 150 -13.33 10.23 17.92
N ALA A 151 -13.78 8.97 17.96
CA ALA A 151 -13.37 8.04 19.00
C ALA A 151 -12.30 7.07 18.50
N VAL A 152 -11.07 7.23 19.02
CA VAL A 152 -9.95 6.33 18.68
C VAL A 152 -9.91 5.18 19.70
N VAL A 153 -10.64 4.12 19.40
CA VAL A 153 -10.93 3.06 20.37
C VAL A 153 -10.68 1.64 19.86
N ARG A 154 -10.36 0.74 20.80
CA ARG A 154 -10.31 -0.71 20.55
C ARG A 154 -10.59 -1.50 21.84
N PRO A 155 -11.07 -2.76 21.72
CA PRO A 155 -11.37 -3.50 20.49
C PRO A 155 -12.60 -2.98 19.76
N PRO A 156 -12.79 -3.41 18.50
CA PRO A 156 -13.94 -2.97 17.70
C PRO A 156 -15.25 -3.56 18.20
N GLY A 157 -16.37 -3.12 17.62
CA GLY A 157 -17.69 -3.45 18.13
C GLY A 157 -18.76 -4.02 17.19
N HIS A 158 -18.82 -3.56 15.94
CA HIS A 158 -20.00 -3.77 15.07
C HIS A 158 -20.35 -5.20 14.71
N HIS A 159 -19.52 -6.17 15.07
CA HIS A 159 -19.83 -7.59 14.87
C HIS A 159 -20.39 -8.21 16.12
N ALA A 160 -20.31 -7.52 17.24
CA ALA A 160 -20.74 -8.07 18.52
C ALA A 160 -22.27 -8.16 18.59
N GLU A 161 -22.79 -9.38 18.54
CA GLU A 161 -24.23 -9.62 18.61
C GLU A 161 -24.69 -9.67 20.05
N GLU A 162 -25.98 -9.89 20.25
CA GLU A 162 -26.60 -9.80 21.56
C GLU A 162 -25.86 -10.62 22.64
N SER A 163 -25.59 -11.88 22.34
CA SER A 163 -24.91 -12.78 23.29
C SER A 163 -23.78 -13.60 22.64
N THR A 164 -23.26 -13.11 21.53
CA THR A 164 -22.24 -13.81 20.77
C THR A 164 -21.14 -12.83 20.38
N PRO A 165 -19.89 -13.12 20.77
CA PRO A 165 -18.77 -12.29 20.34
C PRO A 165 -18.11 -12.87 19.10
N MET A 166 -17.78 -12.02 18.14
CA MET A 166 -17.10 -12.47 16.90
C MET A 166 -16.30 -11.33 16.24
N GLY A 167 -15.41 -11.71 15.32
CA GLY A 167 -14.56 -10.74 14.62
C GLY A 167 -13.86 -9.76 15.54
N PHE A 168 -13.25 -10.29 16.60
CA PHE A 168 -12.50 -9.48 17.56
C PHE A 168 -13.33 -8.43 18.30
N CYS A 169 -14.66 -8.59 18.26
CA CYS A 169 -15.57 -7.67 18.96
C CYS A 169 -16.26 -8.40 20.09
N TYR A 170 -16.59 -7.66 21.14
CA TYR A 170 -17.24 -8.21 22.33
C TYR A 170 -18.49 -7.39 22.73
N PHE A 171 -18.44 -6.07 22.56
CA PHE A 171 -19.55 -5.19 22.87
C PHE A 171 -19.68 -4.14 21.77
N ASN A 172 -20.87 -4.04 21.16
CA ASN A 172 -21.12 -3.05 20.11
C ASN A 172 -21.24 -1.66 20.75
N SER A 173 -20.11 -0.95 20.77
CA SER A 173 -20.02 0.38 21.35
C SER A 173 -21.02 1.37 20.73
N VAL A 174 -21.13 1.36 19.40
CA VAL A 174 -21.97 2.31 18.68
C VAL A 174 -23.45 2.05 18.99
N ALA A 175 -23.84 0.78 18.96
CA ALA A 175 -25.23 0.42 19.24
C ALA A 175 -25.61 0.87 20.65
N VAL A 176 -24.72 0.64 21.62
CA VAL A 176 -24.93 1.08 22.99
C VAL A 176 -25.08 2.59 23.03
N ALA A 177 -24.15 3.31 22.41
CA ALA A 177 -24.25 4.76 22.32
C ALA A 177 -25.64 5.20 21.86
N ALA A 178 -26.17 4.52 20.84
CA ALA A 178 -27.47 4.84 20.27
C ALA A 178 -28.58 4.64 21.30
N LYS A 179 -28.61 3.46 21.92
CA LYS A 179 -29.70 3.12 22.83
C LYS A 179 -29.78 4.12 23.97
N LEU A 180 -28.63 4.47 24.52
CA LEU A 180 -28.57 5.42 25.61
C LEU A 180 -29.10 6.79 25.16
N LEU A 181 -28.76 7.19 23.94
CA LEU A 181 -29.27 8.45 23.38
C LEU A 181 -30.79 8.45 23.35
N GLN A 182 -31.39 7.31 22.98
CA GLN A 182 -32.83 7.13 22.99
C GLN A 182 -33.34 7.11 24.44
N GLN A 183 -32.90 6.13 25.21
CA GLN A 183 -33.34 5.99 26.60
C GLN A 183 -33.15 7.24 27.48
N ARG A 184 -32.02 7.94 27.36
CA ARG A 184 -31.69 8.99 28.32
C ARG A 184 -31.86 10.44 27.84
N LEU A 185 -31.95 10.66 26.53
CA LEU A 185 -32.29 11.98 25.98
C LEU A 185 -33.49 11.94 25.06
N SER A 186 -34.02 10.74 24.80
CA SER A 186 -35.16 10.56 23.90
C SER A 186 -34.90 11.19 22.55
N VAL A 187 -33.72 10.96 21.99
CA VAL A 187 -33.39 11.46 20.65
C VAL A 187 -34.23 10.71 19.65
N SER A 188 -35.06 11.43 18.91
CA SER A 188 -36.13 10.79 18.12
C SER A 188 -35.67 10.12 16.83
N LYS A 189 -34.57 10.58 16.24
CA LYS A 189 -34.08 10.00 14.98
C LYS A 189 -32.55 9.98 14.89
N ILE A 190 -31.98 8.77 14.87
CA ILE A 190 -30.53 8.57 14.76
C ILE A 190 -30.16 7.85 13.48
N LEU A 191 -29.13 8.33 12.80
CA LEU A 191 -28.56 7.64 11.65
C LEU A 191 -27.28 6.94 12.06
N ILE A 192 -27.20 5.64 11.78
CA ILE A 192 -25.92 4.96 11.88
C ILE A 192 -25.42 4.64 10.47
N VAL A 193 -24.31 5.26 10.09
CA VAL A 193 -23.62 4.91 8.85
C VAL A 193 -22.41 4.05 9.19
N ASP A 194 -22.28 2.91 8.52
CA ASP A 194 -21.14 2.02 8.74
C ASP A 194 -20.38 1.86 7.43
N TRP A 195 -19.18 2.41 7.36
CA TRP A 195 -18.39 2.32 6.13
C TRP A 195 -17.19 1.41 6.20
N ASP A 196 -17.03 0.70 7.32
CA ASP A 196 -16.09 -0.42 7.39
C ASP A 196 -16.41 -1.39 6.25
N VAL A 197 -15.38 -2.09 5.77
CA VAL A 197 -15.50 -2.91 4.58
C VAL A 197 -16.39 -4.11 4.84
N HIS A 198 -16.44 -4.52 6.11
CA HIS A 198 -17.25 -5.65 6.52
C HIS A 198 -18.58 -5.17 7.00
N HIS A 199 -19.61 -5.97 6.78
CA HIS A 199 -20.97 -5.67 7.26
C HIS A 199 -21.03 -5.62 8.77
N GLY A 200 -21.76 -4.65 9.32
CA GLY A 200 -21.90 -4.53 10.78
C GLY A 200 -23.04 -5.37 11.31
N ASN A 201 -22.84 -6.70 11.33
CA ASN A 201 -23.92 -7.67 11.65
C ASN A 201 -24.64 -7.42 12.96
N GLY A 202 -23.88 -6.97 13.96
CA GLY A 202 -24.41 -6.69 15.28
C GLY A 202 -25.36 -5.52 15.25
N THR A 203 -24.92 -4.43 14.63
CA THR A 203 -25.70 -3.20 14.61
C THR A 203 -27.03 -3.41 13.89
N GLN A 204 -26.98 -4.11 12.74
CA GLN A 204 -28.19 -4.43 12.00
C GLN A 204 -29.21 -5.10 12.94
N GLN A 205 -28.75 -6.14 13.63
CA GLN A 205 -29.62 -6.88 14.55
C GLN A 205 -30.21 -6.00 15.65
N ALA A 206 -29.40 -5.10 16.23
CA ALA A 206 -29.85 -4.27 17.34
C ALA A 206 -30.96 -3.28 16.99
N PHE A 207 -31.14 -2.95 15.72
CA PHE A 207 -32.15 -1.97 15.34
C PHE A 207 -33.04 -2.42 14.19
N TYR A 208 -33.06 -3.72 13.93
CA TYR A 208 -33.79 -4.27 12.77
C TYR A 208 -35.30 -3.93 12.77
N SER A 209 -35.89 -3.87 13.95
CA SER A 209 -37.31 -3.57 14.10
C SER A 209 -37.60 -2.13 14.54
N ASP A 210 -36.57 -1.29 14.61
CA ASP A 210 -36.69 0.04 15.20
C ASP A 210 -36.59 1.09 14.08
N PRO A 211 -37.70 1.78 13.78
CA PRO A 211 -37.68 2.84 12.77
C PRO A 211 -37.18 4.21 13.25
N SER A 212 -36.81 4.35 14.52
CA SER A 212 -36.17 5.59 15.01
C SER A 212 -34.65 5.56 14.83
N VAL A 213 -34.13 4.43 14.35
CA VAL A 213 -32.71 4.29 13.98
C VAL A 213 -32.55 3.73 12.57
N LEU A 214 -31.96 4.54 11.69
CA LEU A 214 -31.64 4.11 10.32
C LEU A 214 -30.21 3.57 10.26
N TYR A 215 -30.07 2.29 9.96
CA TYR A 215 -28.73 1.72 9.77
C TYR A 215 -28.40 1.62 8.28
N MET A 216 -27.34 2.32 7.86
CA MET A 216 -26.86 2.25 6.47
C MET A 216 -25.44 1.69 6.44
N SER A 217 -25.26 0.56 5.76
CA SER A 217 -23.95 -0.07 5.65
C SER A 217 -23.45 -0.11 4.21
N LEU A 218 -22.21 0.35 4.00
CA LEU A 218 -21.52 0.15 2.73
C LEU A 218 -20.47 -0.91 2.98
N HIS A 219 -20.58 -2.06 2.30
CA HIS A 219 -19.64 -3.18 2.48
C HIS A 219 -19.45 -4.07 1.28
N ARG A 220 -18.39 -4.88 1.33
CA ARG A 220 -18.19 -5.96 0.37
C ARG A 220 -19.05 -7.16 0.79
N TYR A 221 -19.96 -7.56 -0.09
CA TYR A 221 -20.91 -8.65 0.19
C TYR A 221 -20.63 -9.91 -0.64
N ASP A 222 -20.48 -9.76 -1.95
CA ASP A 222 -20.13 -10.87 -2.86
C ASP A 222 -20.93 -12.15 -2.61
N ASP A 223 -22.23 -12.13 -2.89
CA ASP A 223 -23.08 -13.31 -2.68
C ASP A 223 -22.88 -13.93 -1.28
N GLY A 224 -22.49 -13.12 -0.30
CA GLY A 224 -22.27 -13.60 1.06
C GLY A 224 -21.08 -14.54 1.19
N ASN A 225 -20.05 -14.35 0.37
CA ASN A 225 -18.83 -15.12 0.48
C ASN A 225 -17.73 -14.37 1.26
N PHE A 226 -18.08 -13.23 1.83
CA PHE A 226 -17.09 -12.37 2.48
C PHE A 226 -17.53 -12.12 3.93
N PHE A 227 -16.57 -12.08 4.83
CA PHE A 227 -16.85 -11.99 6.26
C PHE A 227 -17.63 -10.71 6.56
N PRO A 228 -18.64 -10.79 7.44
CA PRO A 228 -19.11 -11.96 8.19
C PRO A 228 -20.14 -12.81 7.43
N GLY A 229 -20.45 -12.42 6.20
CA GLY A 229 -21.42 -13.13 5.39
C GLY A 229 -22.82 -12.55 5.45
N SER A 230 -23.08 -11.64 6.39
CA SER A 230 -24.40 -11.04 6.49
C SER A 230 -24.45 -9.76 5.67
N GLY A 231 -25.62 -9.14 5.61
CA GLY A 231 -25.80 -7.82 5.00
C GLY A 231 -26.26 -7.77 3.55
N ALA A 232 -27.18 -8.66 3.17
CA ALA A 232 -27.70 -8.69 1.79
C ALA A 232 -28.66 -7.54 1.53
N PRO A 233 -28.71 -7.05 0.29
CA PRO A 233 -29.50 -5.86 -0.04
C PRO A 233 -31.01 -5.94 0.28
N ASP A 234 -31.59 -7.15 0.31
CA ASP A 234 -33.04 -7.28 0.59
C ASP A 234 -33.40 -7.40 2.08
N GLU A 235 -32.39 -7.60 2.93
CA GLU A 235 -32.55 -7.44 4.38
C GLU A 235 -32.91 -5.97 4.69
N VAL A 236 -34.21 -5.67 4.65
CA VAL A 236 -34.71 -4.29 4.66
C VAL A 236 -35.29 -3.85 6.02
N GLY A 237 -35.19 -4.72 7.02
CA GLY A 237 -35.79 -4.46 8.33
C GLY A 237 -37.04 -5.28 8.51
N THR A 238 -37.51 -5.37 9.75
CA THR A 238 -38.76 -6.09 10.08
C THR A 238 -39.70 -5.18 10.87
N GLY A 239 -41.00 -5.45 10.76
CA GLY A 239 -42.01 -4.72 11.53
C GLY A 239 -42.14 -3.27 11.11
N PRO A 240 -42.26 -2.36 12.09
CA PRO A 240 -42.21 -0.91 11.84
C PRO A 240 -40.86 -0.44 11.27
N GLY A 241 -39.83 -1.28 11.43
CA GLY A 241 -38.49 -0.98 10.90
C GLY A 241 -38.29 -1.18 9.41
N VAL A 242 -39.30 -1.76 8.73
CA VAL A 242 -39.25 -1.99 7.28
C VAL A 242 -38.88 -0.68 6.55
N GLY A 243 -37.81 -0.76 5.76
CA GLY A 243 -37.29 0.37 5.01
C GLY A 243 -36.11 1.05 5.69
N PHE A 244 -35.99 0.88 7.00
CA PHE A 244 -35.02 1.64 7.79
C PHE A 244 -33.74 0.85 8.07
N ASN A 245 -33.51 -0.23 7.31
CA ASN A 245 -32.22 -0.91 7.26
C ASN A 245 -31.72 -1.05 5.81
N VAL A 246 -30.72 -0.25 5.45
CA VAL A 246 -30.23 -0.13 4.07
C VAL A 246 -28.83 -0.73 3.91
N ASN A 247 -28.75 -1.86 3.21
CA ASN A 247 -27.47 -2.50 2.94
C ASN A 247 -26.95 -2.25 1.52
N MET A 248 -26.12 -1.22 1.39
CA MET A 248 -25.38 -0.97 0.15
C MET A 248 -24.32 -2.04 -0.03
N ALA A 249 -24.77 -3.19 -0.52
CA ALA A 249 -23.97 -4.39 -0.66
C ALA A 249 -23.35 -4.45 -2.05
N PHE A 250 -22.02 -4.40 -2.10
CA PHE A 250 -21.29 -4.50 -3.34
C PHE A 250 -21.06 -5.96 -3.68
N THR A 251 -21.08 -6.29 -4.97
CA THR A 251 -20.96 -7.69 -5.38
C THR A 251 -20.24 -7.84 -6.72
N GLY A 252 -19.79 -9.06 -7.01
CA GLY A 252 -18.99 -9.32 -8.20
C GLY A 252 -17.49 -9.27 -7.98
N GLY A 253 -17.06 -9.23 -6.72
CA GLY A 253 -15.65 -9.44 -6.39
C GLY A 253 -14.73 -8.31 -6.79
N LEU A 254 -13.53 -8.68 -7.25
CA LEU A 254 -12.48 -7.71 -7.58
C LEU A 254 -12.29 -7.58 -9.09
N ASP A 255 -13.39 -7.40 -9.82
CA ASP A 255 -13.35 -7.38 -11.28
C ASP A 255 -13.98 -6.11 -11.89
N PRO A 256 -13.38 -4.94 -11.62
CA PRO A 256 -12.19 -4.69 -10.81
C PRO A 256 -12.55 -4.48 -9.35
N PRO A 257 -11.53 -4.30 -8.49
CA PRO A 257 -11.80 -3.88 -7.11
C PRO A 257 -12.41 -2.48 -7.04
N MET A 258 -13.28 -2.28 -6.05
CA MET A 258 -14.02 -1.03 -5.91
C MET A 258 -13.10 0.09 -5.42
N GLY A 259 -13.37 1.31 -5.87
CA GLY A 259 -12.56 2.46 -5.51
C GLY A 259 -13.34 3.72 -5.25
N ASP A 260 -12.62 4.82 -5.11
CA ASP A 260 -13.21 6.11 -4.75
C ASP A 260 -14.46 6.47 -5.57
N ALA A 261 -14.41 6.24 -6.88
CA ALA A 261 -15.48 6.67 -7.79
C ALA A 261 -16.78 5.87 -7.57
N GLU A 262 -16.61 4.60 -7.24
CA GLU A 262 -17.73 3.72 -6.92
C GLU A 262 -18.39 4.12 -5.59
N TYR A 263 -17.58 4.45 -4.59
CA TYR A 263 -18.10 4.90 -3.28
C TYR A 263 -18.71 6.29 -3.36
N LEU A 264 -18.02 7.22 -4.02
CA LEU A 264 -18.56 8.56 -4.20
C LEU A 264 -19.94 8.49 -4.88
N ALA A 265 -20.05 7.64 -5.89
CA ALA A 265 -21.34 7.37 -6.59
C ALA A 265 -22.41 6.87 -5.62
N ALA A 266 -22.14 5.74 -4.97
CA ALA A 266 -23.01 5.19 -3.93
C ALA A 266 -23.52 6.28 -2.97
N PHE A 267 -22.61 7.12 -2.48
CA PHE A 267 -22.99 8.21 -1.58
C PHE A 267 -23.94 9.21 -2.23
N ARG A 268 -23.68 9.55 -3.49
CA ARG A 268 -24.47 10.54 -4.20
C ARG A 268 -25.87 10.01 -4.52
N THR A 269 -25.94 8.78 -5.05
CA THR A 269 -27.22 8.25 -5.54
C THR A 269 -28.03 7.47 -4.50
N VAL A 270 -27.37 6.92 -3.47
CA VAL A 270 -28.03 6.04 -2.47
C VAL A 270 -28.02 6.56 -1.02
N VAL A 271 -26.84 6.80 -0.47
CA VAL A 271 -26.72 7.11 0.97
C VAL A 271 -27.35 8.46 1.31
N MET A 272 -26.92 9.50 0.62
CA MET A 272 -27.30 10.88 0.96
C MET A 272 -28.75 11.28 0.66
N PRO A 273 -29.36 10.69 -0.38
CA PRO A 273 -30.78 10.99 -0.60
C PRO A 273 -31.70 10.37 0.47
N ILE A 274 -31.33 9.19 0.97
CA ILE A 274 -32.07 8.52 2.04
C ILE A 274 -31.78 9.20 3.39
N ALA A 275 -30.50 9.46 3.65
CA ALA A 275 -30.09 10.19 4.85
C ALA A 275 -30.86 11.51 4.96
N SER A 276 -30.95 12.22 3.84
CA SER A 276 -31.60 13.53 3.78
C SER A 276 -33.10 13.46 4.00
N GLU A 277 -33.76 12.49 3.38
CA GLU A 277 -35.18 12.28 3.56
C GLU A 277 -35.46 11.89 5.02
N PHE A 278 -34.76 10.86 5.50
CA PHE A 278 -34.91 10.42 6.89
C PHE A 278 -34.79 11.60 7.86
N ALA A 279 -33.73 12.39 7.69
CA ALA A 279 -33.56 13.67 8.41
C ALA A 279 -33.36 13.45 9.91
N PRO A 280 -32.15 13.01 10.30
CA PRO A 280 -31.84 12.62 11.65
C PRO A 280 -31.36 13.77 12.53
N ASP A 281 -31.39 13.54 13.84
CA ASP A 281 -30.97 14.52 14.83
C ASP A 281 -29.53 14.31 15.25
N VAL A 282 -28.96 13.17 14.89
CA VAL A 282 -27.62 12.78 15.30
C VAL A 282 -27.10 11.72 14.34
N VAL A 283 -25.93 11.95 13.76
CA VAL A 283 -25.30 10.94 12.93
C VAL A 283 -24.21 10.24 13.73
N LEU A 284 -24.25 8.90 13.75
CA LEU A 284 -23.15 8.11 14.31
C LEU A 284 -22.52 7.28 13.20
N VAL A 285 -21.19 7.18 13.20
CA VAL A 285 -20.49 6.42 12.18
C VAL A 285 -19.55 5.34 12.75
N SER A 286 -19.82 4.08 12.39
CA SER A 286 -18.90 2.97 12.61
C SER A 286 -17.79 3.12 11.58
N SER A 287 -16.72 3.82 11.98
CA SER A 287 -15.70 4.25 11.04
C SER A 287 -14.51 3.27 10.93
N GLY A 288 -14.70 2.21 10.15
CA GLY A 288 -13.61 1.30 9.83
C GLY A 288 -12.90 1.71 8.56
N PHE A 289 -11.63 1.34 8.42
CA PHE A 289 -10.81 1.82 7.31
C PHE A 289 -10.19 0.68 6.47
N ASP A 290 -10.80 -0.51 6.48
CA ASP A 290 -10.30 -1.62 5.66
C ASP A 290 -10.68 -1.56 4.16
N ALA A 291 -11.50 -0.59 3.74
CA ALA A 291 -11.76 -0.37 2.31
C ALA A 291 -10.62 0.36 1.58
N VAL A 292 -9.70 0.98 2.32
CA VAL A 292 -8.54 1.66 1.72
C VAL A 292 -7.56 0.63 1.16
N GLU A 293 -6.90 0.98 0.05
CA GLU A 293 -5.87 0.12 -0.55
C GLU A 293 -4.82 -0.34 0.49
N GLY A 294 -4.28 -1.53 0.29
CA GLY A 294 -3.29 -2.13 1.20
C GLY A 294 -3.90 -3.10 2.20
N HIS A 295 -5.07 -3.67 1.86
CA HIS A 295 -5.81 -4.57 2.74
C HIS A 295 -6.16 -5.84 1.99
N PRO A 296 -5.21 -6.76 1.87
CA PRO A 296 -5.51 -7.95 1.06
C PRO A 296 -6.67 -8.78 1.62
N THR A 297 -7.42 -9.46 0.74
CA THR A 297 -8.47 -10.40 1.13
C THR A 297 -7.90 -11.37 2.19
N PRO A 298 -8.72 -11.75 3.21
CA PRO A 298 -10.11 -11.41 3.51
C PRO A 298 -10.28 -10.12 4.28
N LEU A 299 -9.18 -9.42 4.53
CA LEU A 299 -9.20 -8.19 5.30
C LEU A 299 -9.92 -7.09 4.52
N GLY A 300 -9.74 -7.04 3.21
CA GLY A 300 -10.33 -5.98 2.41
C GLY A 300 -10.49 -6.34 0.95
N GLY A 301 -9.53 -5.92 0.13
CA GLY A 301 -9.53 -6.16 -1.31
C GLY A 301 -9.82 -4.93 -2.15
N TYR A 302 -10.42 -3.92 -1.53
CA TYR A 302 -10.81 -2.70 -2.24
C TYR A 302 -9.63 -1.76 -2.36
N ASN A 303 -9.76 -0.75 -3.22
CA ASN A 303 -8.67 0.17 -3.51
C ASN A 303 -9.05 1.63 -3.32
N LEU A 304 -9.70 1.94 -2.20
CA LEU A 304 -10.00 3.34 -1.89
C LEU A 304 -8.76 4.07 -1.38
N SER A 305 -8.80 5.39 -1.44
CA SER A 305 -7.73 6.23 -0.93
C SER A 305 -8.18 6.88 0.38
N ALA A 306 -7.30 6.89 1.36
CA ALA A 306 -7.59 7.48 2.67
C ALA A 306 -8.25 8.86 2.57
N ARG A 307 -7.85 9.63 1.56
CA ARG A 307 -8.39 10.97 1.33
C ARG A 307 -9.90 10.99 1.16
N CYS A 308 -10.40 9.98 0.46
CA CYS A 308 -11.81 9.85 0.14
C CYS A 308 -12.66 9.96 1.40
N PHE A 309 -12.16 9.38 2.50
CA PHE A 309 -12.86 9.42 3.80
C PHE A 309 -13.05 10.83 4.37
N GLY A 310 -12.14 11.75 4.03
CA GLY A 310 -12.35 13.15 4.39
C GLY A 310 -13.60 13.69 3.72
N TYR A 311 -13.78 13.34 2.46
CA TYR A 311 -14.91 13.80 1.67
C TYR A 311 -16.22 13.16 2.12
N LEU A 312 -16.16 11.90 2.54
CA LEU A 312 -17.37 11.23 3.02
C LEU A 312 -17.84 11.84 4.34
N THR A 313 -16.90 12.05 5.26
CA THR A 313 -17.15 12.81 6.49
C THR A 313 -17.91 14.12 6.18
N LYS A 314 -17.37 14.91 5.25
CA LYS A 314 -17.89 16.25 4.95
C LYS A 314 -19.30 16.24 4.38
N GLN A 315 -19.66 15.20 3.65
CA GLN A 315 -21.04 15.03 3.19
C GLN A 315 -21.96 14.79 4.39
N LEU A 316 -21.56 13.91 5.32
CA LEU A 316 -22.37 13.59 6.52
C LEU A 316 -22.49 14.77 7.49
N MET A 317 -21.48 15.63 7.55
CA MET A 317 -21.52 16.81 8.43
C MET A 317 -22.63 17.79 8.03
N GLY A 318 -23.07 17.71 6.77
CA GLY A 318 -24.23 18.47 6.30
C GLY A 318 -25.57 18.04 6.89
N LEU A 319 -25.62 16.83 7.45
CA LEU A 319 -26.84 16.33 8.11
C LEU A 319 -26.77 16.60 9.61
N ALA A 320 -27.94 16.57 10.26
CA ALA A 320 -28.07 16.56 11.72
C ALA A 320 -27.49 17.80 12.44
N GLY A 321 -27.53 18.95 11.78
CA GLY A 321 -26.97 20.19 12.31
C GLY A 321 -25.47 20.13 12.54
N GLY A 322 -24.80 19.18 11.90
CA GLY A 322 -23.39 18.92 12.16
C GLY A 322 -23.09 18.02 13.35
N ARG A 323 -24.13 17.48 13.98
CA ARG A 323 -23.93 16.61 15.15
C ARG A 323 -23.54 15.20 14.71
N ILE A 324 -22.25 15.04 14.41
CA ILE A 324 -21.71 13.78 13.94
C ILE A 324 -20.60 13.29 14.89
N VAL A 325 -20.56 11.98 15.13
CA VAL A 325 -19.46 11.36 15.89
C VAL A 325 -19.02 10.08 15.20
N LEU A 326 -17.72 9.96 14.97
CA LEU A 326 -17.12 8.79 14.33
C LEU A 326 -16.35 7.94 15.35
N ALA A 327 -16.44 6.61 15.23
CA ALA A 327 -15.75 5.68 16.14
C ALA A 327 -15.05 4.55 15.38
N LEU A 328 -13.76 4.38 15.65
CA LEU A 328 -12.95 3.35 14.96
C LEU A 328 -13.55 1.95 15.05
N GLU A 329 -13.54 1.23 13.93
CA GLU A 329 -13.91 -0.19 13.87
C GLU A 329 -12.70 -0.93 13.31
N GLY A 330 -12.81 -1.50 12.10
CA GLY A 330 -11.68 -2.17 11.44
C GLY A 330 -10.69 -1.23 10.75
N GLY A 331 -9.65 -1.82 10.18
CA GLY A 331 -8.52 -1.06 9.60
C GLY A 331 -7.22 -1.63 10.14
N HIS A 332 -6.26 -1.91 9.26
CA HIS A 332 -5.07 -2.72 9.61
C HIS A 332 -3.77 -2.10 9.19
N ASP A 333 -3.66 -1.73 7.92
CA ASP A 333 -2.46 -1.11 7.41
C ASP A 333 -2.28 0.28 8.08
N LEU A 334 -1.14 0.44 8.74
CA LEU A 334 -0.92 1.60 9.60
C LEU A 334 -0.97 2.90 8.82
N THR A 335 -0.29 2.96 7.69
CA THR A 335 -0.33 4.15 6.82
C THR A 335 -1.77 4.47 6.40
N ALA A 336 -2.49 3.44 5.96
CA ALA A 336 -3.88 3.56 5.56
C ALA A 336 -4.75 4.18 6.65
N ILE A 337 -4.80 3.54 7.83
CA ILE A 337 -5.66 4.02 8.94
C ILE A 337 -5.22 5.39 9.47
N CYS A 338 -3.92 5.65 9.48
CA CYS A 338 -3.38 6.95 9.92
C CYS A 338 -3.69 8.06 8.93
N ASP A 339 -3.57 7.79 7.63
CA ASP A 339 -3.94 8.78 6.61
C ASP A 339 -5.44 9.06 6.66
N ALA A 340 -6.25 8.01 6.65
CA ALA A 340 -7.71 8.14 6.76
C ALA A 340 -8.17 8.86 8.03
N SER A 341 -7.57 8.54 9.17
CA SER A 341 -7.93 9.22 10.43
C SER A 341 -7.60 10.72 10.39
N GLU A 342 -6.42 11.04 9.87
CA GLU A 342 -6.02 12.44 9.67
C GLU A 342 -7.05 13.19 8.79
N ALA A 343 -7.44 12.56 7.68
CA ALA A 343 -8.43 13.13 6.79
C ALA A 343 -9.74 13.43 7.54
N CYS A 344 -10.17 12.51 8.40
CA CYS A 344 -11.50 12.61 9.03
C CYS A 344 -11.55 13.69 10.06
N VAL A 345 -10.57 13.70 10.96
CA VAL A 345 -10.44 14.78 11.94
C VAL A 345 -10.29 16.13 11.23
N SER A 346 -9.47 16.17 10.19
CA SER A 346 -9.18 17.40 9.46
C SER A 346 -10.46 18.01 8.90
N ALA A 347 -11.28 17.18 8.25
CA ALA A 347 -12.63 17.59 7.82
C ALA A 347 -13.48 18.04 9.01
N LEU A 348 -13.48 17.25 10.08
CA LEU A 348 -14.27 17.58 11.28
C LEU A 348 -13.93 18.95 11.87
N LEU A 349 -12.69 19.41 11.71
CA LEU A 349 -12.27 20.73 12.20
C LEU A 349 -12.68 21.86 11.28
N GLY A 350 -13.18 21.54 10.10
CA GLY A 350 -13.57 22.53 9.10
C GLY A 350 -12.44 22.95 8.17
N ASN A 351 -11.35 22.18 8.15
CA ASN A 351 -10.21 22.49 7.31
C ASN A 351 -10.55 22.23 5.84
N GLU A 352 -9.78 22.82 4.93
CA GLU A 352 -9.89 22.51 3.50
C GLU A 352 -9.23 21.14 3.27
N LEU A 353 -9.87 20.29 2.46
CA LEU A 353 -9.47 18.88 2.31
C LEU A 353 -8.40 18.65 1.23
N ASP A 354 -7.48 17.72 1.49
CA ASP A 354 -6.49 17.29 0.49
C ASP A 354 -7.23 16.74 -0.76
N PRO A 355 -6.92 17.29 -1.95
CA PRO A 355 -7.74 17.01 -3.14
C PRO A 355 -7.74 15.55 -3.62
N LEU A 356 -8.79 15.17 -4.35
CA LEU A 356 -8.83 13.88 -5.04
C LEU A 356 -8.25 14.01 -6.43
N PRO A 357 -7.74 12.91 -7.01
CA PRO A 357 -7.16 12.98 -8.36
C PRO A 357 -8.23 13.34 -9.40
N GLU A 358 -7.82 14.10 -10.42
CA GLU A 358 -8.74 14.51 -11.48
C GLU A 358 -9.33 13.29 -12.19
N LYS A 359 -8.51 12.27 -12.38
CA LYS A 359 -8.94 11.02 -13.01
C LYS A 359 -10.10 10.39 -12.25
N VAL A 360 -10.04 10.46 -10.91
CA VAL A 360 -11.02 9.82 -10.04
C VAL A 360 -12.36 10.55 -10.07
N LEU A 361 -12.30 11.88 -10.02
CA LEU A 361 -13.48 12.73 -10.09
C LEU A 361 -14.22 12.52 -11.42
N GLN A 362 -13.49 12.21 -12.47
CA GLN A 362 -14.06 12.07 -13.82
C GLN A 362 -14.47 10.64 -14.16
N GLN A 363 -14.09 9.67 -13.32
CA GLN A 363 -14.34 8.26 -13.62
C GLN A 363 -15.81 7.89 -13.39
N ARG A 364 -16.39 7.17 -14.36
CA ARG A 364 -17.68 6.54 -14.19
C ARG A 364 -17.46 5.29 -13.33
N PRO A 365 -18.42 4.96 -12.45
CA PRO A 365 -18.25 3.77 -11.60
C PRO A 365 -18.29 2.46 -12.39
N ASN A 366 -17.44 1.49 -12.03
CA ASN A 366 -17.38 0.20 -12.75
C ASN A 366 -18.72 -0.53 -12.81
N ALA A 367 -18.86 -1.44 -13.76
CA ALA A 367 -20.14 -2.12 -14.02
C ALA A 367 -20.73 -2.85 -12.80
N ASN A 368 -19.92 -3.59 -12.08
CA ASN A 368 -20.37 -4.33 -10.90
C ASN A 368 -20.95 -3.41 -9.81
N ALA A 369 -20.37 -2.22 -9.68
CA ALA A 369 -20.86 -1.23 -8.72
C ALA A 369 -22.22 -0.68 -9.19
N VAL A 370 -22.36 -0.42 -10.48
CA VAL A 370 -23.64 0.04 -11.02
C VAL A 370 -24.69 -1.06 -10.90
N ARG A 371 -24.29 -2.31 -11.13
CA ARG A 371 -25.22 -3.44 -10.98
C ARG A 371 -25.63 -3.54 -9.53
N SER A 372 -24.69 -3.29 -8.63
CA SER A 372 -24.95 -3.35 -7.20
C SER A 372 -25.86 -2.20 -6.75
N MET A 373 -25.55 -0.98 -7.20
CA MET A 373 -26.36 0.19 -6.82
C MET A 373 -27.79 0.12 -7.38
N GLU A 374 -27.97 -0.50 -8.54
CA GLU A 374 -29.31 -0.67 -9.11
C GLU A 374 -30.19 -1.55 -8.23
N LYS A 375 -29.62 -2.67 -7.78
CA LYS A 375 -30.37 -3.65 -6.99
C LYS A 375 -30.96 -2.99 -5.75
N VAL A 376 -30.10 -2.34 -4.97
CA VAL A 376 -30.47 -1.54 -3.78
C VAL A 376 -31.62 -0.56 -4.09
N MET A 377 -31.43 0.29 -5.11
CA MET A 377 -32.39 1.33 -5.49
C MET A 377 -33.74 0.77 -5.93
N GLU A 378 -33.76 -0.45 -6.47
CA GLU A 378 -35.03 -1.10 -6.83
C GLU A 378 -35.70 -1.64 -5.56
N ILE A 379 -34.91 -2.25 -4.69
CA ILE A 379 -35.44 -2.77 -3.43
C ILE A 379 -36.02 -1.67 -2.53
N HIS A 380 -35.26 -0.60 -2.34
CA HIS A 380 -35.67 0.48 -1.43
C HIS A 380 -36.55 1.54 -2.06
N SER A 381 -36.81 1.46 -3.37
CA SER A 381 -37.72 2.40 -4.02
C SER A 381 -39.14 2.31 -3.45
N LYS A 382 -39.46 1.19 -2.83
CA LYS A 382 -40.74 1.04 -2.16
C LYS A 382 -40.88 1.98 -0.96
N TYR A 383 -39.81 2.20 -0.21
CA TYR A 383 -39.91 2.82 1.12
C TYR A 383 -39.51 4.31 1.20
N TRP A 384 -39.00 4.88 0.12
CA TRP A 384 -38.45 6.23 0.17
C TRP A 384 -38.85 7.07 -1.01
N ARG A 385 -39.44 8.23 -0.76
CA ARG A 385 -39.90 9.14 -1.83
C ARG A 385 -38.79 9.45 -2.85
N CYS A 386 -37.55 9.61 -2.38
CA CYS A 386 -36.44 10.05 -3.23
C CYS A 386 -35.97 9.08 -4.32
N LEU A 387 -36.42 7.82 -4.31
CA LEU A 387 -35.98 6.85 -5.34
C LEU A 387 -37.14 6.35 -6.21
N GLN A 388 -38.11 7.20 -6.50
CA GLN A 388 -39.28 6.80 -7.31
C GLN A 388 -39.88 7.98 -8.07
N THR B 9 0.03 -13.01 -21.57
CA THR B 9 1.14 -13.99 -21.37
C THR B 9 2.50 -13.29 -21.15
N THR B 10 3.24 -13.73 -20.13
CA THR B 10 4.45 -13.06 -19.63
C THR B 10 5.70 -13.57 -20.32
N GLY B 11 6.67 -12.67 -20.52
CA GLY B 11 7.87 -13.02 -21.27
C GLY B 11 9.15 -12.88 -20.47
N LEU B 12 10.19 -13.59 -20.90
CA LEU B 12 11.50 -13.51 -20.25
C LEU B 12 12.59 -13.50 -21.31
N VAL B 13 13.70 -12.85 -21.00
CA VAL B 13 14.83 -12.88 -21.90
C VAL B 13 16.12 -13.07 -21.12
N TYR B 14 17.02 -13.85 -21.71
CA TYR B 14 18.27 -14.29 -21.09
C TYR B 14 19.12 -14.81 -22.25
N ASP B 15 20.44 -14.86 -22.09
CA ASP B 15 21.31 -15.40 -23.15
C ASP B 15 22.65 -15.79 -22.54
N THR B 16 23.13 -16.97 -22.90
CA THR B 16 24.35 -17.51 -22.28
C THR B 16 25.60 -16.70 -22.64
N LEU B 17 25.56 -15.97 -23.77
CA LEU B 17 26.67 -15.08 -24.17
C LEU B 17 26.92 -13.95 -23.19
N MET B 18 25.89 -13.59 -22.43
CA MET B 18 26.07 -12.61 -21.38
C MET B 18 26.99 -13.11 -20.27
N LEU B 19 27.16 -14.42 -20.15
CA LEU B 19 28.05 -14.99 -19.13
C LEU B 19 29.55 -14.78 -19.40
N LYS B 20 29.93 -14.49 -20.65
CA LYS B 20 31.36 -14.36 -21.02
C LYS B 20 32.02 -13.04 -20.56
N HIS B 21 31.21 -12.06 -20.18
CA HIS B 21 31.70 -10.80 -19.57
C HIS B 21 32.29 -11.11 -18.21
N GLN B 22 33.60 -11.35 -18.20
CA GLN B 22 34.36 -11.75 -17.01
C GLN B 22 35.77 -11.20 -17.17
N CYS B 23 36.37 -10.71 -16.10
CA CYS B 23 37.76 -10.29 -16.19
C CYS B 23 38.63 -11.49 -16.55
N THR B 24 39.75 -11.25 -17.19
CA THR B 24 40.62 -12.35 -17.66
C THR B 24 41.27 -13.11 -16.49
N CYS B 25 41.40 -12.46 -15.33
CA CYS B 25 41.93 -13.12 -14.13
C CYS B 25 40.98 -14.20 -13.59
N GLY B 26 39.72 -14.17 -14.06
CA GLY B 26 38.75 -15.21 -13.78
C GLY B 26 38.51 -15.45 -12.30
N SER B 27 37.89 -14.49 -11.63
CA SER B 27 37.59 -14.60 -10.21
C SER B 27 36.41 -13.71 -9.81
N SER B 28 35.33 -14.33 -9.32
CA SER B 28 34.14 -13.61 -8.90
C SER B 28 34.35 -12.83 -7.59
N SER B 29 35.46 -13.11 -6.89
CA SER B 29 35.77 -12.43 -5.64
C SER B 29 36.10 -10.96 -5.86
N SER B 30 37.16 -10.69 -6.61
CA SER B 30 37.59 -9.31 -6.85
C SER B 30 36.63 -8.53 -7.76
N HIS B 31 35.71 -9.24 -8.41
CA HIS B 31 34.74 -8.65 -9.35
C HIS B 31 33.33 -9.15 -9.07
N PRO B 32 32.64 -8.48 -8.13
CA PRO B 32 31.32 -8.88 -7.63
C PRO B 32 30.22 -9.02 -8.69
N GLU B 33 30.22 -8.18 -9.71
CA GLU B 33 29.21 -8.30 -10.75
C GLU B 33 29.63 -9.40 -11.70
N HIS B 34 29.28 -10.64 -11.35
CA HIS B 34 29.79 -11.84 -12.03
C HIS B 34 28.73 -12.66 -12.72
N ALA B 35 29.21 -13.58 -13.55
CA ALA B 35 28.35 -14.42 -14.40
C ALA B 35 27.27 -15.16 -13.62
N GLY B 36 27.67 -15.80 -12.51
CA GLY B 36 26.76 -16.59 -11.67
C GLY B 36 25.45 -15.93 -11.28
N ARG B 37 25.45 -14.59 -11.26
CA ARG B 37 24.26 -13.79 -10.90
C ARG B 37 23.05 -14.11 -11.78
N ILE B 38 23.22 -14.08 -13.10
CA ILE B 38 22.11 -14.39 -14.00
C ILE B 38 21.91 -15.90 -14.20
N GLN B 39 22.98 -16.69 -14.01
CA GLN B 39 22.87 -18.14 -14.12
C GLN B 39 22.04 -18.74 -12.99
N SER B 40 22.20 -18.22 -11.78
CA SER B 40 21.43 -18.70 -10.65
C SER B 40 19.97 -18.30 -10.78
N ILE B 41 19.70 -17.07 -11.22
CA ILE B 41 18.33 -16.61 -11.43
C ILE B 41 17.62 -17.51 -12.44
N TRP B 42 18.30 -17.80 -13.54
CA TRP B 42 17.73 -18.58 -14.62
C TRP B 42 17.41 -19.98 -14.20
N SER B 43 18.30 -20.59 -13.42
CA SER B 43 18.07 -21.94 -12.95
C SER B 43 17.01 -21.98 -11.85
N ARG B 44 16.90 -20.92 -11.06
CA ARG B 44 15.81 -20.80 -10.07
C ARG B 44 14.43 -20.71 -10.75
N LEU B 45 14.33 -20.03 -11.89
CA LEU B 45 13.07 -19.90 -12.60
C LEU B 45 12.70 -21.25 -13.24
N GLN B 46 13.72 -21.98 -13.69
CA GLN B 46 13.57 -23.36 -14.16
C GLN B 46 13.02 -24.24 -13.05
N GLU B 47 13.77 -24.37 -11.96
CA GLU B 47 13.51 -25.38 -10.93
C GLU B 47 12.26 -25.12 -10.09
N THR B 48 11.56 -24.03 -10.36
CA THR B 48 10.29 -23.74 -9.71
C THR B 48 9.10 -23.76 -10.67
N GLY B 49 9.36 -23.99 -11.96
CA GLY B 49 8.29 -24.07 -12.96
C GLY B 49 7.88 -22.77 -13.64
N LEU B 50 8.48 -21.66 -13.23
CA LEU B 50 8.08 -20.34 -13.74
C LEU B 50 8.47 -20.13 -15.22
N ARG B 51 9.65 -20.59 -15.62
CA ARG B 51 10.03 -20.61 -17.05
C ARG B 51 8.95 -21.26 -17.92
N GLY B 52 8.31 -22.29 -17.38
CA GLY B 52 7.25 -23.02 -18.06
C GLY B 52 6.03 -22.18 -18.35
N LYS B 53 5.70 -21.27 -17.43
CA LYS B 53 4.56 -20.37 -17.62
C LYS B 53 4.86 -19.15 -18.48
N CYS B 54 6.10 -19.01 -18.97
CA CYS B 54 6.51 -17.80 -19.70
C CYS B 54 7.03 -18.06 -21.11
N GLU B 55 6.91 -17.05 -21.97
CA GLU B 55 7.46 -17.07 -23.33
C GLU B 55 8.92 -16.55 -23.28
N CYS B 56 9.88 -17.43 -23.54
CA CYS B 56 11.30 -17.04 -23.53
C CYS B 56 11.74 -16.58 -24.92
N ILE B 57 11.94 -15.27 -25.08
CA ILE B 57 12.25 -14.72 -26.41
C ILE B 57 13.74 -14.73 -26.74
N ARG B 58 14.04 -14.60 -28.03
CA ARG B 58 15.43 -14.46 -28.50
C ARG B 58 15.82 -12.99 -28.43
N GLY B 59 17.00 -12.73 -27.85
CA GLY B 59 17.56 -11.39 -27.83
C GLY B 59 18.52 -11.19 -28.98
N ARG B 60 19.23 -10.06 -28.96
CA ARG B 60 20.18 -9.73 -30.01
C ARG B 60 21.12 -8.65 -29.55
N LYS B 61 22.19 -8.44 -30.31
CA LYS B 61 23.06 -7.30 -30.03
C LYS B 61 22.35 -6.03 -30.50
N ALA B 62 22.50 -4.96 -29.72
CA ALA B 62 22.01 -3.67 -30.13
C ALA B 62 23.00 -3.11 -31.13
N THR B 63 22.51 -2.33 -32.10
CA THR B 63 23.40 -1.66 -33.05
C THR B 63 24.06 -0.50 -32.34
N LEU B 64 25.16 -0.02 -32.91
CA LEU B 64 25.85 1.14 -32.37
C LEU B 64 24.98 2.39 -32.53
N GLU B 65 24.10 2.39 -33.53
CA GLU B 65 23.19 3.51 -33.76
C GLU B 65 22.18 3.61 -32.62
N GLU B 66 21.72 2.44 -32.16
CA GLU B 66 20.74 2.38 -31.09
C GLU B 66 21.32 2.90 -29.78
N LEU B 67 22.56 2.53 -29.49
CA LEU B 67 23.23 3.01 -28.28
C LEU B 67 23.41 4.52 -28.31
N GLN B 68 23.61 5.07 -29.51
CA GLN B 68 23.84 6.52 -29.69
C GLN B 68 22.63 7.41 -29.40
N THR B 69 21.46 6.81 -29.17
CA THR B 69 20.31 7.56 -28.63
C THR B 69 20.60 8.10 -27.21
N VAL B 70 21.47 7.41 -26.47
CA VAL B 70 21.88 7.82 -25.12
C VAL B 70 23.36 8.17 -24.98
N HIS B 71 24.24 7.45 -25.68
CA HIS B 71 25.68 7.58 -25.47
C HIS B 71 26.33 8.25 -26.65
N SER B 72 27.52 8.80 -26.41
CA SER B 72 28.26 9.47 -27.48
C SER B 72 28.82 8.43 -28.42
N GLU B 73 29.12 8.86 -29.64
CA GLU B 73 29.71 7.99 -30.64
C GLU B 73 31.01 7.37 -30.11
N ALA B 74 31.88 8.20 -29.56
CA ALA B 74 33.16 7.72 -29.07
C ALA B 74 32.99 6.66 -27.97
N HIS B 75 32.02 6.88 -27.08
CA HIS B 75 31.79 5.97 -25.96
C HIS B 75 31.35 4.62 -26.47
N THR B 76 30.51 4.63 -27.50
CA THR B 76 30.00 3.37 -28.06
C THR B 76 31.02 2.62 -28.91
N LEU B 77 32.09 3.29 -29.33
CA LEU B 77 33.21 2.60 -29.99
C LEU B 77 34.16 2.03 -28.93
N LEU B 78 34.31 2.76 -27.84
CA LEU B 78 35.20 2.35 -26.78
C LEU B 78 34.69 1.04 -26.18
N TYR B 79 33.41 1.00 -25.83
CA TYR B 79 32.85 -0.17 -25.16
C TYR B 79 31.90 -1.01 -26.01
N GLY B 80 31.85 -0.73 -27.32
CA GLY B 80 30.88 -1.39 -28.21
C GLY B 80 31.47 -2.20 -29.34
N THR B 81 32.79 -2.20 -29.47
CA THR B 81 33.48 -2.97 -30.49
C THR B 81 34.76 -3.51 -29.91
N ASN B 82 35.17 -4.69 -30.40
CA ASN B 82 36.48 -5.25 -30.07
C ASN B 82 37.60 -4.38 -30.66
N PRO B 83 38.83 -4.49 -30.10
CA PRO B 83 39.91 -3.51 -30.37
C PRO B 83 40.38 -3.32 -31.83
N ALA B 84 40.43 -4.38 -32.63
CA ALA B 84 40.82 -4.26 -34.04
C ALA B 84 39.69 -3.56 -34.80
N ASN B 85 38.46 -4.05 -34.65
CA ASN B 85 37.29 -3.39 -35.22
C ASN B 85 37.22 -1.93 -34.79
N ARG B 86 37.53 -1.67 -33.53
CA ARG B 86 37.40 -0.33 -33.01
C ARG B 86 38.13 0.68 -33.88
N GLN B 87 39.31 0.33 -34.35
CA GLN B 87 40.07 1.26 -35.17
C GLN B 87 39.52 1.32 -36.60
N LYS B 88 39.09 0.19 -37.16
CA LYS B 88 38.48 0.16 -38.52
C LYS B 88 37.25 1.04 -38.64
N LEU B 89 36.45 1.09 -37.57
CA LEU B 89 35.16 1.77 -37.59
C LEU B 89 35.23 3.25 -37.21
N ASP B 90 36.28 3.66 -36.52
CA ASP B 90 36.41 5.07 -36.10
C ASP B 90 36.96 5.92 -37.23
N SER B 91 36.13 6.12 -38.24
CA SER B 91 36.50 6.87 -39.43
C SER B 91 36.62 8.36 -39.14
N LYS B 92 35.91 8.84 -38.12
CA LYS B 92 35.94 10.26 -37.78
C LYS B 92 37.09 10.64 -36.83
N LYS B 93 37.99 9.69 -36.55
CA LYS B 93 39.13 9.90 -35.62
C LYS B 93 38.76 10.59 -34.29
N LEU B 94 37.67 10.12 -33.68
CA LEU B 94 37.22 10.62 -32.39
C LEU B 94 38.09 10.12 -31.24
N LEU B 95 38.64 8.92 -31.38
CA LEU B 95 39.53 8.34 -30.36
C LEU B 95 40.97 8.83 -30.56
N GLY B 96 41.69 9.01 -29.44
CA GLY B 96 43.11 9.38 -29.45
C GLY B 96 43.99 8.19 -29.12
N SER B 97 44.97 8.38 -28.24
CA SER B 97 45.79 7.27 -27.76
C SER B 97 45.08 6.54 -26.63
N LEU B 98 44.84 5.24 -26.84
CA LEU B 98 44.19 4.37 -25.87
C LEU B 98 45.18 3.65 -24.95
N ALA B 99 46.47 3.97 -25.06
CA ALA B 99 47.51 3.39 -24.19
C ALA B 99 47.27 3.77 -22.72
N SER B 100 46.77 4.99 -22.50
CA SER B 100 46.36 5.44 -21.16
C SER B 100 44.99 4.91 -20.73
N VAL B 101 44.10 4.61 -21.69
CA VAL B 101 42.70 4.27 -21.41
C VAL B 101 42.53 2.83 -20.90
N PHE B 102 43.04 1.84 -21.65
CA PHE B 102 42.97 0.44 -21.24
C PHE B 102 44.36 -0.04 -20.82
N VAL B 103 44.47 -0.51 -19.57
CA VAL B 103 45.75 -0.87 -18.95
C VAL B 103 45.61 -2.12 -18.06
N ARG B 104 46.76 -2.56 -17.53
CA ARG B 104 46.80 -3.67 -16.57
C ARG B 104 46.27 -3.30 -15.18
N LEU B 105 45.36 -4.13 -14.66
CA LEU B 105 44.87 -3.99 -13.30
C LEU B 105 45.84 -4.67 -12.32
N PRO B 106 45.62 -4.50 -10.99
CA PRO B 106 46.43 -5.23 -10.00
C PRO B 106 46.22 -6.75 -10.02
N CYS B 107 45.01 -7.22 -10.35
CA CYS B 107 44.72 -8.67 -10.42
C CYS B 107 45.36 -9.35 -11.64
N GLY B 108 46.13 -8.61 -12.44
CA GLY B 108 46.75 -9.14 -13.64
C GLY B 108 45.74 -9.33 -14.77
N GLY B 109 44.83 -8.36 -14.92
CA GLY B 109 43.83 -8.38 -15.99
C GLY B 109 43.60 -6.99 -16.54
N VAL B 110 42.82 -6.90 -17.61
CA VAL B 110 42.62 -5.65 -18.32
C VAL B 110 41.30 -4.97 -17.95
N GLY B 111 41.39 -3.69 -17.61
CA GLY B 111 40.23 -2.86 -17.34
C GLY B 111 40.60 -1.40 -17.47
N VAL B 112 39.61 -0.53 -17.25
CA VAL B 112 39.83 0.91 -17.29
C VAL B 112 40.42 1.42 -15.97
N ASP B 113 39.72 1.17 -14.85
CA ASP B 113 40.09 1.73 -13.54
C ASP B 113 40.39 0.65 -12.52
N SER B 114 40.64 1.06 -11.28
CA SER B 114 41.04 0.16 -10.19
C SER B 114 40.03 -0.92 -9.79
N ASP B 115 38.93 -1.06 -10.54
CA ASP B 115 37.95 -2.11 -10.23
C ASP B 115 37.02 -2.53 -11.38
N THR B 116 36.77 -1.63 -12.36
CA THR B 116 35.89 -1.97 -13.49
C THR B 116 36.66 -2.61 -14.66
N ILE B 117 36.19 -3.81 -15.03
CA ILE B 117 36.92 -4.71 -15.92
C ILE B 117 36.55 -4.56 -17.40
N TRP B 118 37.41 -5.07 -18.28
CA TRP B 118 37.09 -5.15 -19.72
C TRP B 118 37.72 -6.35 -20.39
N ASN B 119 36.87 -7.29 -20.83
CA ASN B 119 37.29 -8.42 -21.66
C ASN B 119 37.30 -7.98 -23.13
N GLU B 120 38.48 -7.95 -23.74
CA GLU B 120 38.66 -7.41 -25.08
C GLU B 120 38.20 -8.35 -26.18
N VAL B 121 37.69 -9.52 -25.80
CA VAL B 121 37.03 -10.43 -26.74
C VAL B 121 35.51 -10.49 -26.53
N HIS B 122 35.03 -10.32 -25.29
CA HIS B 122 33.64 -10.70 -24.95
C HIS B 122 32.75 -9.63 -24.34
N SER B 123 33.33 -8.61 -23.73
CA SER B 123 32.56 -7.61 -22.99
C SER B 123 31.69 -6.73 -23.88
N ALA B 124 32.26 -6.29 -25.00
CA ALA B 124 31.55 -5.50 -26.01
C ALA B 124 30.28 -6.21 -26.50
N GLY B 125 30.40 -7.49 -26.82
CA GLY B 125 29.25 -8.28 -27.22
C GLY B 125 28.22 -8.45 -26.12
N ALA B 126 28.68 -8.67 -24.88
CA ALA B 126 27.79 -8.88 -23.75
C ALA B 126 27.04 -7.61 -23.33
N ALA B 127 27.72 -6.46 -23.40
CA ALA B 127 27.10 -5.17 -23.05
C ALA B 127 25.98 -4.77 -24.03
N ARG B 128 26.16 -5.08 -25.30
CA ARG B 128 25.15 -4.78 -26.33
C ARG B 128 24.01 -5.79 -26.31
N LEU B 129 24.33 -7.04 -26.01
CA LEU B 129 23.30 -8.08 -25.87
C LEU B 129 22.37 -7.73 -24.73
N ALA B 130 22.91 -7.10 -23.68
CA ALA B 130 22.09 -6.67 -22.54
C ALA B 130 21.03 -5.66 -22.97
N VAL B 131 21.44 -4.70 -23.80
CA VAL B 131 20.55 -3.67 -24.31
C VAL B 131 19.52 -4.27 -25.24
N GLY B 132 19.99 -5.04 -26.21
CA GLY B 132 19.09 -5.66 -27.18
C GLY B 132 18.04 -6.57 -26.56
N CYS B 133 18.41 -7.28 -25.50
CA CYS B 133 17.48 -8.18 -24.81
C CYS B 133 16.35 -7.39 -24.15
N VAL B 134 16.69 -6.24 -23.57
CA VAL B 134 15.70 -5.34 -22.95
C VAL B 134 14.83 -4.69 -24.01
N VAL B 135 15.45 -4.22 -25.10
CA VAL B 135 14.74 -3.58 -26.19
C VAL B 135 13.69 -4.51 -26.80
N GLU B 136 14.10 -5.73 -27.14
CA GLU B 136 13.17 -6.71 -27.72
C GLU B 136 11.97 -6.96 -26.82
N LEU B 137 12.26 -7.08 -25.53
CA LEU B 137 11.24 -7.40 -24.55
C LEU B 137 10.30 -6.21 -24.34
N VAL B 138 10.86 -5.01 -24.31
CA VAL B 138 10.05 -3.79 -24.14
C VAL B 138 9.12 -3.62 -25.35
N PHE B 139 9.66 -3.83 -26.55
CA PHE B 139 8.92 -3.64 -27.80
C PHE B 139 7.80 -4.66 -27.97
N LYS B 140 8.01 -5.87 -27.50
CA LYS B 140 6.97 -6.90 -27.54
C LYS B 140 5.87 -6.60 -26.53
N VAL B 141 6.20 -5.87 -25.47
CA VAL B 141 5.19 -5.47 -24.48
C VAL B 141 4.45 -4.23 -24.97
N ALA B 142 5.19 -3.24 -25.44
CA ALA B 142 4.61 -1.99 -25.93
C ALA B 142 3.59 -2.24 -27.03
N THR B 143 3.92 -3.15 -27.95
CA THR B 143 3.07 -3.45 -29.11
C THR B 143 1.96 -4.48 -28.86
N GLY B 144 1.85 -4.97 -27.62
CA GLY B 144 0.77 -5.89 -27.23
C GLY B 144 0.97 -7.36 -27.63
N GLU B 145 2.21 -7.75 -27.85
CA GLU B 145 2.57 -9.13 -28.21
C GLU B 145 2.71 -9.98 -26.94
N LEU B 146 2.99 -9.32 -25.82
CA LEU B 146 3.00 -9.94 -24.50
C LEU B 146 2.31 -9.03 -23.47
N LYS B 147 2.06 -9.57 -22.28
CA LYS B 147 1.38 -8.86 -21.21
C LYS B 147 2.40 -7.98 -20.46
N ASN B 148 3.48 -8.62 -20.06
CA ASN B 148 4.56 -7.95 -19.35
C ASN B 148 5.80 -8.83 -19.45
N GLY B 149 6.90 -8.43 -18.82
CA GLY B 149 8.10 -9.25 -18.87
C GLY B 149 9.21 -8.88 -17.90
N PHE B 150 10.16 -9.80 -17.81
CA PHE B 150 11.32 -9.65 -16.96
C PHE B 150 12.56 -9.99 -17.79
N ALA B 151 13.58 -9.14 -17.74
CA ALA B 151 14.79 -9.32 -18.51
C ALA B 151 15.94 -9.69 -17.58
N VAL B 152 16.45 -10.93 -17.70
CA VAL B 152 17.54 -11.43 -16.85
C VAL B 152 18.88 -11.14 -17.54
N VAL B 153 19.39 -9.93 -17.32
CA VAL B 153 20.56 -9.46 -18.08
C VAL B 153 21.68 -8.94 -17.19
N ARG B 154 22.88 -8.92 -17.78
CA ARG B 154 24.06 -8.29 -17.22
C ARG B 154 25.02 -8.00 -18.36
N PRO B 155 25.89 -7.00 -18.19
CA PRO B 155 26.03 -6.11 -17.02
C PRO B 155 24.84 -5.14 -16.82
N PRO B 156 24.78 -4.48 -15.65
CA PRO B 156 23.74 -3.48 -15.38
C PRO B 156 23.95 -2.17 -16.15
N GLY B 157 22.98 -1.25 -16.08
CA GLY B 157 22.98 -0.04 -16.90
C GLY B 157 22.80 1.31 -16.24
N HIS B 158 22.13 1.36 -15.09
CA HIS B 158 21.64 2.65 -14.56
C HIS B 158 22.69 3.63 -14.06
N HIS B 159 23.97 3.25 -14.05
CA HIS B 159 25.03 4.21 -13.72
C HIS B 159 25.76 4.74 -14.93
N ALA B 160 25.53 4.15 -16.11
CA ALA B 160 26.20 4.58 -17.33
C ALA B 160 25.68 5.92 -17.87
N GLU B 161 26.57 6.91 -17.91
CA GLU B 161 26.23 8.24 -18.42
C GLU B 161 26.64 8.34 -19.88
N GLU B 162 26.45 9.51 -20.47
CA GLU B 162 26.64 9.72 -21.90
C GLU B 162 28.02 9.28 -22.34
N SER B 163 29.05 9.77 -21.65
CA SER B 163 30.45 9.44 -22.01
C SER B 163 31.25 8.81 -20.85
N THR B 164 30.56 8.20 -19.90
CA THR B 164 31.20 7.62 -18.70
C THR B 164 30.62 6.26 -18.29
N PRO B 165 31.48 5.23 -18.17
CA PRO B 165 31.10 4.00 -17.50
C PRO B 165 31.35 4.11 -16.00
N MET B 166 30.45 3.61 -15.18
CA MET B 166 30.69 3.51 -13.74
C MET B 166 29.77 2.48 -13.10
N GLY B 167 30.16 2.03 -11.89
CA GLY B 167 29.37 1.08 -11.11
C GLY B 167 29.16 -0.24 -11.83
N PHE B 168 30.20 -0.70 -12.51
CA PHE B 168 30.16 -1.90 -13.33
C PHE B 168 29.13 -1.84 -14.49
N CYS B 169 28.75 -0.62 -14.87
CA CYS B 169 27.83 -0.40 -16.00
C CYS B 169 28.59 0.26 -17.15
N TYR B 170 28.20 -0.06 -18.38
CA TYR B 170 28.87 0.46 -19.58
C TYR B 170 27.85 1.18 -20.45
N PHE B 171 26.76 0.47 -20.78
CA PHE B 171 25.66 1.07 -21.51
C PHE B 171 24.38 0.99 -20.68
N ASN B 172 23.56 2.02 -20.76
CA ASN B 172 22.34 2.13 -19.96
C ASN B 172 21.14 1.56 -20.70
N SER B 173 21.00 0.24 -20.61
CA SER B 173 20.02 -0.50 -21.40
C SER B 173 18.59 0.03 -21.30
N VAL B 174 18.14 0.32 -20.08
CA VAL B 174 16.76 0.79 -19.85
C VAL B 174 16.51 2.14 -20.49
N ALA B 175 17.47 3.04 -20.32
CA ALA B 175 17.42 4.37 -20.94
C ALA B 175 17.34 4.27 -22.47
N VAL B 176 18.09 3.34 -23.07
CA VAL B 176 18.00 3.11 -24.52
C VAL B 176 16.62 2.54 -24.91
N ALA B 177 16.10 1.57 -24.16
CA ALA B 177 14.75 1.01 -24.41
C ALA B 177 13.70 2.12 -24.47
N ALA B 178 13.85 3.12 -23.60
CA ALA B 178 12.94 4.26 -23.56
C ALA B 178 13.09 5.11 -24.79
N LYS B 179 14.33 5.38 -25.18
CA LYS B 179 14.61 6.23 -26.34
C LYS B 179 14.06 5.62 -27.60
N LEU B 180 14.34 4.33 -27.81
CA LEU B 180 13.83 3.65 -29.00
C LEU B 180 12.30 3.68 -29.04
N LEU B 181 11.66 3.54 -27.88
CA LEU B 181 10.19 3.61 -27.80
C LEU B 181 9.65 4.95 -28.29
N GLN B 182 10.21 6.04 -27.78
CA GLN B 182 9.89 7.40 -28.24
C GLN B 182 10.00 7.49 -29.77
N GLN B 183 11.18 7.19 -30.29
CA GLN B 183 11.50 7.42 -31.70
C GLN B 183 10.82 6.49 -32.70
N ARG B 184 10.65 5.23 -32.34
CA ARG B 184 10.13 4.22 -33.28
C ARG B 184 8.70 3.76 -33.05
N LEU B 185 8.12 4.09 -31.90
CA LEU B 185 6.72 3.77 -31.64
C LEU B 185 5.89 4.98 -31.20
N SER B 186 6.53 6.13 -31.07
CA SER B 186 5.86 7.36 -30.63
C SER B 186 5.05 7.16 -29.35
N VAL B 187 5.64 6.43 -28.40
CA VAL B 187 5.06 6.31 -27.07
C VAL B 187 5.23 7.67 -26.41
N SER B 188 4.11 8.33 -26.10
CA SER B 188 4.16 9.72 -25.67
C SER B 188 4.43 9.94 -24.19
N LYS B 189 4.15 8.93 -23.35
CA LYS B 189 4.46 9.00 -21.91
C LYS B 189 5.06 7.68 -21.45
N ILE B 190 6.20 7.74 -20.75
CA ILE B 190 6.91 6.55 -20.23
C ILE B 190 7.31 6.75 -18.77
N LEU B 191 7.14 5.71 -17.94
CA LEU B 191 7.57 5.77 -16.54
C LEU B 191 8.72 4.79 -16.27
N ILE B 192 9.80 5.30 -15.67
CA ILE B 192 10.89 4.45 -15.25
C ILE B 192 11.02 4.51 -13.74
N VAL B 193 10.82 3.35 -13.09
CA VAL B 193 11.01 3.22 -11.66
C VAL B 193 12.25 2.38 -11.40
N ASP B 194 13.11 2.87 -10.51
CA ASP B 194 14.41 2.27 -10.23
C ASP B 194 14.50 2.05 -8.73
N TRP B 195 14.25 0.81 -8.30
CA TRP B 195 14.28 0.47 -6.87
C TRP B 195 15.50 -0.32 -6.47
N ASP B 196 16.56 -0.24 -7.27
CA ASP B 196 17.88 -0.63 -6.83
C ASP B 196 18.25 0.33 -5.68
N VAL B 197 19.04 -0.14 -4.71
CA VAL B 197 19.39 0.67 -3.55
C VAL B 197 20.23 1.91 -3.92
N HIS B 198 20.89 1.88 -5.08
CA HIS B 198 21.72 3.00 -5.53
C HIS B 198 21.00 3.86 -6.54
N HIS B 199 21.38 5.14 -6.59
CA HIS B 199 20.75 6.10 -7.48
C HIS B 199 21.19 5.87 -8.90
N GLY B 200 20.24 5.91 -9.83
CA GLY B 200 20.55 5.72 -11.24
C GLY B 200 20.93 7.03 -11.92
N ASN B 201 22.14 7.49 -11.65
CA ASN B 201 22.63 8.75 -12.23
C ASN B 201 22.48 8.82 -13.75
N GLY B 202 22.93 7.78 -14.45
CA GLY B 202 22.83 7.72 -15.90
C GLY B 202 21.42 8.01 -16.37
N THR B 203 20.44 7.32 -15.78
CA THR B 203 19.04 7.42 -16.20
C THR B 203 18.48 8.81 -15.90
N GLN B 204 18.82 9.34 -14.73
CA GLN B 204 18.48 10.72 -14.37
C GLN B 204 19.00 11.70 -15.41
N GLN B 205 20.27 11.52 -15.78
CA GLN B 205 20.94 12.37 -16.75
C GLN B 205 20.29 12.26 -18.11
N ALA B 206 20.10 11.03 -18.58
CA ALA B 206 19.48 10.77 -19.86
C ALA B 206 18.19 11.57 -20.12
N PHE B 207 17.37 11.78 -19.09
CA PHE B 207 16.04 12.35 -19.30
C PHE B 207 15.74 13.63 -18.53
N TYR B 208 16.79 14.25 -17.99
CA TYR B 208 16.62 15.32 -17.00
C TYR B 208 15.78 16.49 -17.49
N SER B 209 15.83 16.77 -18.79
CA SER B 209 15.12 17.89 -19.40
C SER B 209 13.86 17.49 -20.15
N ASP B 210 13.48 16.22 -20.08
CA ASP B 210 12.42 15.65 -20.89
C ASP B 210 11.23 15.24 -20.01
N PRO B 211 10.10 15.95 -20.13
CA PRO B 211 8.92 15.69 -19.31
C PRO B 211 8.06 14.52 -19.78
N SER B 212 8.38 13.94 -20.94
CA SER B 212 7.64 12.77 -21.44
C SER B 212 8.16 11.44 -20.90
N VAL B 213 9.22 11.48 -20.09
CA VAL B 213 9.74 10.29 -19.41
C VAL B 213 10.01 10.58 -17.95
N LEU B 214 9.12 10.13 -17.07
CA LEU B 214 9.23 10.37 -15.63
C LEU B 214 10.11 9.31 -15.00
N TYR B 215 11.23 9.75 -14.41
CA TYR B 215 12.13 8.88 -13.67
C TYR B 215 11.88 9.02 -12.17
N MET B 216 11.66 7.90 -11.50
CA MET B 216 11.46 7.86 -10.04
C MET B 216 12.44 6.87 -9.44
N SER B 217 13.32 7.36 -8.56
CA SER B 217 14.28 6.50 -7.88
C SER B 217 13.99 6.44 -6.39
N LEU B 218 14.15 5.24 -5.83
CA LEU B 218 14.24 5.06 -4.39
C LEU B 218 15.66 4.57 -4.16
N HIS B 219 16.38 5.23 -3.27
CA HIS B 219 17.78 4.88 -3.01
C HIS B 219 18.23 5.41 -1.69
N ARG B 220 19.29 4.81 -1.18
CA ARG B 220 19.98 5.29 -0.01
C ARG B 220 20.76 6.51 -0.46
N TYR B 221 20.48 7.65 0.15
CA TYR B 221 21.20 8.87 -0.13
C TYR B 221 22.09 9.27 1.04
N ASP B 222 21.50 9.28 2.24
CA ASP B 222 22.20 9.63 3.46
C ASP B 222 22.89 10.99 3.36
N ASP B 223 24.21 11.00 3.46
CA ASP B 223 24.98 12.23 3.64
C ASP B 223 25.53 12.71 2.30
N GLY B 224 25.15 12.01 1.22
CA GLY B 224 25.70 12.25 -0.11
C GLY B 224 26.95 11.46 -0.42
N ASN B 225 27.46 10.69 0.55
CA ASN B 225 28.71 9.94 0.38
C ASN B 225 28.49 8.43 0.30
N PHE B 226 27.29 8.03 -0.10
CA PHE B 226 27.00 6.66 -0.46
C PHE B 226 26.94 6.57 -2.00
N PHE B 227 27.51 5.52 -2.54
CA PHE B 227 27.70 5.44 -3.99
C PHE B 227 26.36 5.45 -4.72
N PRO B 228 26.25 6.19 -5.85
CA PRO B 228 27.28 6.93 -6.57
C PRO B 228 27.44 8.41 -6.17
N GLY B 229 26.83 8.81 -5.05
CA GLY B 229 26.98 10.18 -4.54
C GLY B 229 26.07 11.23 -5.16
N SER B 230 25.09 10.79 -5.97
CA SER B 230 24.12 11.69 -6.59
C SER B 230 22.73 11.40 -6.09
N GLY B 231 21.75 12.16 -6.55
CA GLY B 231 20.33 11.85 -6.33
C GLY B 231 19.60 12.59 -5.21
N ALA B 232 19.94 13.87 -5.01
CA ALA B 232 19.31 14.68 -3.95
C ALA B 232 17.83 14.91 -4.23
N PRO B 233 17.03 15.14 -3.16
CA PRO B 233 15.60 15.44 -3.26
C PRO B 233 15.25 16.60 -4.19
N ASP B 234 16.05 17.66 -4.19
CA ASP B 234 15.77 18.83 -5.03
C ASP B 234 16.33 18.77 -6.47
N GLU B 235 16.87 17.63 -6.87
CA GLU B 235 17.18 17.40 -8.28
C GLU B 235 15.88 16.99 -8.97
N VAL B 236 15.15 18.01 -9.43
CA VAL B 236 13.76 17.83 -9.88
C VAL B 236 13.60 17.90 -11.41
N GLY B 237 14.70 18.13 -12.12
CA GLY B 237 14.66 18.20 -13.60
C GLY B 237 15.06 19.58 -14.09
N THR B 238 15.02 19.78 -15.40
CA THR B 238 15.39 21.08 -15.96
C THR B 238 14.61 21.43 -17.23
N GLY B 239 14.55 22.74 -17.49
CA GLY B 239 13.76 23.28 -18.61
C GLY B 239 12.34 22.76 -18.60
N PRO B 240 11.87 22.22 -19.75
CA PRO B 240 10.52 21.69 -19.78
C PRO B 240 10.38 20.45 -18.89
N GLY B 241 11.51 19.79 -18.60
CA GLY B 241 11.53 18.63 -17.71
C GLY B 241 11.46 18.91 -16.22
N VAL B 242 11.44 20.19 -15.84
CA VAL B 242 11.34 20.53 -14.43
C VAL B 242 10.07 19.91 -13.85
N GLY B 243 10.23 19.15 -12.78
CA GLY B 243 9.11 18.49 -12.11
C GLY B 243 9.05 17.00 -12.37
N PHE B 244 9.77 16.52 -13.38
CA PHE B 244 9.58 15.14 -13.86
C PHE B 244 10.73 14.18 -13.50
N ASN B 245 11.49 14.54 -12.47
CA ASN B 245 12.56 13.70 -11.91
C ASN B 245 12.37 13.63 -10.40
N VAL B 246 11.96 12.46 -9.90
CA VAL B 246 11.59 12.30 -8.49
C VAL B 246 12.58 11.40 -7.76
N ASN B 247 13.46 12.00 -6.96
CA ASN B 247 14.40 11.25 -6.13
C ASN B 247 13.85 11.01 -4.74
N MET B 248 13.24 9.84 -4.51
CA MET B 248 12.83 9.44 -3.17
C MET B 248 14.08 9.00 -2.45
N ALA B 249 14.77 9.99 -1.88
CA ALA B 249 16.10 9.82 -1.30
C ALA B 249 15.97 9.51 0.18
N PHE B 250 16.49 8.37 0.61
CA PHE B 250 16.47 7.99 2.01
C PHE B 250 17.73 8.47 2.73
N THR B 251 17.54 9.18 3.84
CA THR B 251 18.65 9.67 4.66
C THR B 251 18.47 9.28 6.11
N GLY B 252 19.54 9.43 6.90
CA GLY B 252 19.56 9.09 8.32
C GLY B 252 20.27 7.79 8.67
N GLY B 253 21.09 7.27 7.75
CA GLY B 253 21.88 6.08 8.03
C GLY B 253 21.10 4.78 8.07
N LEU B 254 21.73 3.74 8.61
CA LEU B 254 21.16 2.39 8.63
C LEU B 254 20.65 2.00 10.02
N ASP B 255 20.47 2.99 10.89
CA ASP B 255 20.14 2.74 12.30
C ASP B 255 19.04 3.71 12.76
N PRO B 256 17.79 3.24 12.81
CA PRO B 256 17.34 1.89 12.43
C PRO B 256 17.33 1.72 10.92
N PRO B 257 17.47 0.49 10.42
CA PRO B 257 17.63 0.30 8.98
C PRO B 257 16.29 0.34 8.28
N MET B 258 16.30 0.68 6.99
CA MET B 258 15.08 0.81 6.19
C MET B 258 14.65 -0.58 5.72
N GLY B 259 13.36 -0.84 5.81
CA GLY B 259 12.82 -2.14 5.41
C GLY B 259 11.43 -2.03 4.80
N ASP B 260 10.77 -3.19 4.71
CA ASP B 260 9.46 -3.32 4.07
C ASP B 260 8.46 -2.20 4.42
N ALA B 261 8.24 -1.96 5.71
CA ALA B 261 7.38 -0.86 6.17
C ALA B 261 7.75 0.50 5.56
N GLU B 262 9.06 0.79 5.48
CA GLU B 262 9.53 2.10 5.04
C GLU B 262 9.38 2.28 3.53
N TYR B 263 9.42 1.17 2.80
CA TYR B 263 9.27 1.19 1.36
C TYR B 263 7.82 1.23 0.93
N LEU B 264 6.98 0.46 1.62
CA LEU B 264 5.55 0.45 1.34
C LEU B 264 4.92 1.82 1.59
N ALA B 265 5.48 2.55 2.56
CA ALA B 265 5.04 3.90 2.90
C ALA B 265 5.34 4.88 1.78
N ALA B 266 6.55 4.77 1.25
CA ALA B 266 7.02 5.58 0.13
C ALA B 266 6.16 5.33 -1.10
N PHE B 267 5.94 4.06 -1.41
CA PHE B 267 5.11 3.72 -2.55
C PHE B 267 3.71 4.30 -2.41
N ARG B 268 3.17 4.17 -1.21
CA ARG B 268 1.81 4.61 -0.92
C ARG B 268 1.64 6.12 -1.02
N THR B 269 2.60 6.85 -0.48
CA THR B 269 2.46 8.29 -0.29
C THR B 269 3.22 9.14 -1.34
N VAL B 270 4.23 8.56 -2.00
CA VAL B 270 5.04 9.28 -2.98
C VAL B 270 4.99 8.69 -4.38
N VAL B 271 5.32 7.42 -4.51
CA VAL B 271 5.54 6.85 -5.83
C VAL B 271 4.23 6.70 -6.58
N MET B 272 3.27 5.99 -5.98
CA MET B 272 2.03 5.67 -6.69
C MET B 272 1.11 6.87 -6.91
N PRO B 273 0.97 7.77 -5.93
CA PRO B 273 0.13 8.91 -6.23
C PRO B 273 0.66 9.72 -7.42
N ILE B 274 1.96 10.02 -7.42
CA ILE B 274 2.60 10.73 -8.54
C ILE B 274 2.57 9.90 -9.83
N ALA B 275 2.78 8.60 -9.72
CA ALA B 275 2.76 7.72 -10.89
C ALA B 275 1.37 7.72 -11.54
N SER B 276 0.33 7.55 -10.72
CA SER B 276 -1.05 7.54 -11.18
C SER B 276 -1.45 8.83 -11.87
N GLU B 277 -0.95 9.94 -11.35
CA GLU B 277 -1.25 11.27 -11.91
C GLU B 277 -0.60 11.45 -13.28
N PHE B 278 0.67 11.04 -13.40
CA PHE B 278 1.38 11.06 -14.69
C PHE B 278 0.65 10.24 -15.76
N ALA B 279 0.16 9.06 -15.38
CA ALA B 279 -0.64 8.21 -16.27
C ALA B 279 0.18 7.72 -17.47
N PRO B 280 1.19 6.88 -17.22
CA PRO B 280 2.08 6.42 -18.29
C PRO B 280 1.43 5.46 -19.28
N ASP B 281 2.04 5.32 -20.45
CA ASP B 281 1.61 4.37 -21.47
C ASP B 281 2.39 3.05 -21.34
N VAL B 282 3.63 3.13 -20.85
CA VAL B 282 4.45 1.95 -20.55
C VAL B 282 5.16 2.21 -19.24
N VAL B 283 5.55 1.14 -18.55
CA VAL B 283 6.39 1.28 -17.37
C VAL B 283 7.61 0.37 -17.51
N LEU B 284 8.79 0.95 -17.34
CA LEU B 284 10.04 0.19 -17.37
C LEU B 284 10.58 0.25 -15.96
N VAL B 285 11.09 -0.88 -15.47
CA VAL B 285 11.60 -0.91 -14.12
C VAL B 285 13.06 -1.32 -14.08
N SER B 286 13.87 -0.48 -13.44
CA SER B 286 15.27 -0.80 -13.17
C SER B 286 15.30 -1.61 -11.88
N SER B 287 15.02 -2.90 -12.02
CA SER B 287 14.82 -3.79 -10.88
C SER B 287 16.08 -4.47 -10.33
N GLY B 288 16.89 -3.71 -9.59
CA GLY B 288 18.00 -4.27 -8.81
C GLY B 288 17.54 -4.71 -7.42
N PHE B 289 18.19 -5.72 -6.85
CA PHE B 289 17.72 -6.33 -5.60
C PHE B 289 18.69 -6.24 -4.43
N ASP B 290 19.58 -5.26 -4.46
CA ASP B 290 20.54 -5.05 -3.37
C ASP B 290 19.94 -4.30 -2.15
N ALA B 291 18.63 -4.01 -2.20
CA ALA B 291 17.87 -3.52 -1.04
C ALA B 291 17.53 -4.64 -0.03
N VAL B 292 17.50 -5.88 -0.53
CA VAL B 292 17.17 -7.05 0.29
C VAL B 292 18.21 -7.24 1.39
N GLU B 293 17.77 -7.65 2.58
CA GLU B 293 18.66 -8.12 3.64
C GLU B 293 19.71 -9.11 3.11
N GLY B 294 20.89 -9.11 3.73
CA GLY B 294 22.03 -9.93 3.27
C GLY B 294 23.11 -9.12 2.58
N HIS B 295 22.75 -7.96 2.05
CA HIS B 295 23.70 -7.06 1.42
C HIS B 295 24.33 -6.16 2.45
N PRO B 296 25.62 -6.36 2.73
CA PRO B 296 26.24 -5.57 3.77
C PRO B 296 26.67 -4.21 3.25
N THR B 297 26.59 -3.19 4.10
CA THR B 297 27.27 -1.92 3.84
C THR B 297 28.75 -2.23 3.51
N PRO B 298 29.32 -1.56 2.49
CA PRO B 298 28.82 -0.46 1.66
C PRO B 298 28.16 -0.90 0.35
N LEU B 299 27.78 -2.16 0.24
CA LEU B 299 27.07 -2.64 -0.94
C LEU B 299 25.59 -2.29 -0.86
N GLY B 300 24.97 -2.53 0.30
CA GLY B 300 23.55 -2.20 0.54
C GLY B 300 23.28 -1.65 1.93
N GLY B 301 22.97 -2.55 2.88
CA GLY B 301 22.75 -2.17 4.28
C GLY B 301 21.30 -2.15 4.76
N TYR B 302 20.36 -2.28 3.83
CA TYR B 302 18.94 -2.26 4.16
C TYR B 302 18.44 -3.69 4.42
N ASN B 303 17.21 -3.80 4.92
CA ASN B 303 16.66 -5.10 5.32
C ASN B 303 15.28 -5.40 4.74
N LEU B 304 15.11 -5.16 3.45
CA LEU B 304 13.90 -5.57 2.74
C LEU B 304 13.81 -7.08 2.65
N SER B 305 12.59 -7.57 2.45
CA SER B 305 12.39 -8.97 2.11
C SER B 305 12.11 -9.11 0.62
N ALA B 306 12.55 -10.22 0.05
CA ALA B 306 12.31 -10.54 -1.35
C ALA B 306 10.83 -10.47 -1.70
N ARG B 307 9.98 -11.01 -0.83
CA ARG B 307 8.52 -10.99 -1.03
C ARG B 307 7.96 -9.59 -1.31
N CYS B 308 8.59 -8.58 -0.72
CA CYS B 308 8.13 -7.19 -0.84
C CYS B 308 8.08 -6.76 -2.30
N PHE B 309 9.11 -7.14 -3.05
CA PHE B 309 9.19 -6.82 -4.48
C PHE B 309 8.07 -7.47 -5.30
N GLY B 310 7.49 -8.55 -4.77
CA GLY B 310 6.26 -9.11 -5.34
C GLY B 310 5.12 -8.10 -5.27
N TYR B 311 5.01 -7.43 -4.13
CA TYR B 311 3.92 -6.48 -3.89
C TYR B 311 4.12 -5.15 -4.60
N LEU B 312 5.36 -4.69 -4.73
CA LEU B 312 5.63 -3.47 -5.49
C LEU B 312 5.37 -3.69 -6.98
N THR B 313 5.59 -4.93 -7.44
CA THR B 313 5.30 -5.31 -8.82
C THR B 313 3.79 -5.32 -9.11
N LYS B 314 2.99 -5.76 -8.14
CA LYS B 314 1.53 -5.71 -8.29
C LYS B 314 1.06 -4.26 -8.35
N GLN B 315 1.65 -3.38 -7.53
CA GLN B 315 1.26 -1.96 -7.52
C GLN B 315 1.58 -1.26 -8.84
N LEU B 316 2.73 -1.58 -9.43
CA LEU B 316 3.11 -1.03 -10.73
C LEU B 316 2.34 -1.70 -11.87
N MET B 317 1.99 -2.97 -11.71
CA MET B 317 1.12 -3.66 -12.70
C MET B 317 -0.25 -2.98 -12.82
N GLY B 318 -0.56 -2.08 -11.90
CA GLY B 318 -1.79 -1.30 -11.97
C GLY B 318 -1.79 -0.20 -13.02
N LEU B 319 -0.62 0.17 -13.53
CA LEU B 319 -0.51 1.27 -14.47
C LEU B 319 -0.35 0.79 -15.93
N ALA B 320 -0.54 1.72 -16.88
CA ALA B 320 -0.26 1.48 -18.29
C ALA B 320 -0.95 0.23 -18.87
N GLY B 321 -2.19 0.01 -18.45
CA GLY B 321 -2.91 -1.21 -18.78
C GLY B 321 -2.06 -2.47 -18.62
N GLY B 322 -1.16 -2.50 -17.63
CA GLY B 322 -0.30 -3.66 -17.41
C GLY B 322 1.06 -3.69 -18.12
N ARG B 323 1.29 -2.75 -19.03
CA ARG B 323 2.52 -2.73 -19.85
C ARG B 323 3.76 -2.38 -19.04
N ILE B 324 4.30 -3.40 -18.37
CA ILE B 324 5.40 -3.22 -17.43
C ILE B 324 6.51 -4.19 -17.79
N VAL B 325 7.75 -3.72 -17.71
CA VAL B 325 8.91 -4.55 -17.95
C VAL B 325 9.96 -4.32 -16.88
N LEU B 326 10.51 -5.40 -16.34
CA LEU B 326 11.55 -5.34 -15.33
C LEU B 326 12.88 -5.84 -15.90
N ALA B 327 13.93 -5.05 -15.74
CA ALA B 327 15.28 -5.43 -16.17
C ALA B 327 16.21 -5.45 -14.97
N LEU B 328 17.02 -6.50 -14.84
CA LEU B 328 17.93 -6.65 -13.69
C LEU B 328 19.00 -5.55 -13.63
N GLU B 329 19.13 -4.91 -12.48
CA GLU B 329 20.23 -3.98 -12.26
C GLU B 329 21.18 -4.62 -11.23
N GLY B 330 21.35 -3.99 -10.06
CA GLY B 330 22.21 -4.51 -9.01
C GLY B 330 21.59 -5.64 -8.20
N GLY B 331 22.21 -5.92 -7.05
CA GLY B 331 21.97 -7.14 -6.30
C GLY B 331 23.19 -8.02 -6.47
N HIS B 332 23.57 -8.74 -5.40
CA HIS B 332 24.78 -9.59 -5.40
C HIS B 332 24.56 -10.93 -4.74
N ASP B 333 24.09 -10.91 -3.50
CA ASP B 333 23.83 -12.15 -2.76
C ASP B 333 22.85 -13.01 -3.55
N LEU B 334 23.28 -14.23 -3.88
CA LEU B 334 22.58 -15.05 -4.89
C LEU B 334 21.22 -15.54 -4.44
N THR B 335 21.09 -15.79 -3.15
CA THR B 335 19.83 -16.24 -2.55
C THR B 335 18.77 -15.14 -2.56
N ALA B 336 19.20 -13.95 -2.16
CA ALA B 336 18.34 -12.77 -2.10
C ALA B 336 17.77 -12.42 -3.49
N ILE B 337 18.63 -12.36 -4.50
CA ILE B 337 18.20 -11.96 -5.86
C ILE B 337 17.34 -13.02 -6.56
N CYS B 338 17.59 -14.30 -6.27
CA CYS B 338 16.75 -15.36 -6.82
C CYS B 338 15.36 -15.35 -6.18
N ASP B 339 15.29 -15.07 -4.88
CA ASP B 339 14.01 -14.97 -4.18
C ASP B 339 13.13 -13.80 -4.71
N ALA B 340 13.76 -12.63 -4.87
CA ALA B 340 13.12 -11.46 -5.46
C ALA B 340 12.68 -11.74 -6.90
N SER B 341 13.63 -12.24 -7.71
CA SER B 341 13.33 -12.66 -9.07
C SER B 341 12.11 -13.57 -9.09
N GLU B 342 12.13 -14.58 -8.23
CA GLU B 342 11.00 -15.52 -8.13
C GLU B 342 9.72 -14.75 -7.84
N ALA B 343 9.77 -13.84 -6.86
CA ALA B 343 8.60 -13.10 -6.41
C ALA B 343 8.02 -12.22 -7.52
N CYS B 344 8.88 -11.40 -8.12
CA CYS B 344 8.44 -10.49 -9.17
C CYS B 344 7.80 -11.22 -10.35
N VAL B 345 8.46 -12.26 -10.83
CA VAL B 345 7.96 -13.01 -11.97
C VAL B 345 6.63 -13.70 -11.64
N SER B 346 6.51 -14.22 -10.42
CA SER B 346 5.25 -14.79 -9.98
C SER B 346 4.17 -13.70 -9.95
N ALA B 347 4.52 -12.53 -9.44
CA ALA B 347 3.61 -11.39 -9.48
C ALA B 347 3.22 -11.07 -10.92
N LEU B 348 4.22 -10.95 -11.79
CA LEU B 348 4.00 -10.69 -13.21
C LEU B 348 3.06 -11.71 -13.86
N LEU B 349 3.13 -12.97 -13.43
CA LEU B 349 2.26 -14.04 -13.94
C LEU B 349 0.83 -14.01 -13.37
N GLY B 350 0.57 -13.10 -12.44
CA GLY B 350 -0.75 -12.99 -11.80
C GLY B 350 -1.02 -14.06 -10.75
N ASN B 351 0.04 -14.65 -10.20
CA ASN B 351 -0.11 -15.63 -9.12
C ASN B 351 -0.53 -14.94 -7.84
N GLU B 352 -1.06 -15.74 -6.91
CA GLU B 352 -1.30 -15.27 -5.56
C GLU B 352 0.07 -15.07 -4.94
N LEU B 353 0.23 -13.96 -4.23
CA LEU B 353 1.49 -13.62 -3.58
C LEU B 353 1.53 -14.23 -2.18
N ASP B 354 2.70 -14.71 -1.75
CA ASP B 354 2.88 -15.16 -0.36
C ASP B 354 2.97 -13.90 0.52
N PRO B 355 2.26 -13.87 1.67
CA PRO B 355 2.13 -12.60 2.39
C PRO B 355 3.37 -12.19 3.17
N LEU B 356 3.48 -10.91 3.48
CA LEU B 356 4.57 -10.41 4.31
C LEU B 356 4.34 -10.87 5.75
N PRO B 357 5.43 -11.06 6.51
CA PRO B 357 5.24 -11.41 7.92
C PRO B 357 4.51 -10.31 8.70
N GLU B 358 3.57 -10.72 9.54
CA GLU B 358 2.76 -9.77 10.31
C GLU B 358 3.62 -8.89 11.23
N LYS B 359 4.71 -9.42 11.76
CA LYS B 359 5.62 -8.61 12.60
C LYS B 359 5.98 -7.29 11.92
N VAL B 360 6.15 -7.34 10.60
CA VAL B 360 6.55 -6.17 9.81
C VAL B 360 5.38 -5.21 9.55
N LEU B 361 4.22 -5.75 9.19
CA LEU B 361 3.03 -4.92 8.92
C LEU B 361 2.52 -4.17 10.15
N GLN B 362 2.84 -4.66 11.35
CA GLN B 362 2.46 -4.00 12.61
C GLN B 362 3.50 -2.99 13.12
N GLN B 363 4.21 -2.35 12.19
CA GLN B 363 5.39 -1.55 12.51
C GLN B 363 5.27 -0.18 11.85
N ARG B 364 5.30 0.89 12.64
CA ARG B 364 5.28 2.24 12.09
C ARG B 364 6.62 2.46 11.39
N PRO B 365 6.62 3.08 10.19
CA PRO B 365 7.89 3.33 9.51
C PRO B 365 8.78 4.30 10.28
N ASN B 366 10.08 4.05 10.30
CA ASN B 366 10.97 4.82 11.18
C ASN B 366 11.02 6.33 10.88
N ALA B 367 11.43 7.09 11.89
CA ALA B 367 11.42 8.56 11.87
C ALA B 367 12.22 9.13 10.69
N ASN B 368 13.37 8.53 10.44
CA ASN B 368 14.24 8.93 9.35
C ASN B 368 13.56 8.83 8.00
N ALA B 369 12.83 7.73 7.77
CA ALA B 369 12.07 7.54 6.54
C ALA B 369 10.89 8.51 6.45
N VAL B 370 10.21 8.74 7.57
CA VAL B 370 9.14 9.75 7.60
C VAL B 370 9.72 11.10 7.14
N ARG B 371 10.81 11.55 7.76
CA ARG B 371 11.43 12.84 7.38
C ARG B 371 11.90 12.85 5.92
N SER B 372 12.45 11.73 5.46
CA SER B 372 12.89 11.61 4.08
C SER B 372 11.71 11.77 3.10
N MET B 373 10.55 11.22 3.46
CA MET B 373 9.36 11.32 2.62
C MET B 373 8.74 12.70 2.59
N GLU B 374 8.86 13.46 3.68
CA GLU B 374 8.24 14.78 3.73
C GLU B 374 9.11 15.84 3.06
N LYS B 375 10.42 15.63 3.05
CA LYS B 375 11.31 16.51 2.28
C LYS B 375 11.00 16.37 0.78
N VAL B 376 10.82 15.13 0.31
CA VAL B 376 10.46 14.90 -1.08
C VAL B 376 9.11 15.54 -1.40
N MET B 377 8.15 15.42 -0.49
CA MET B 377 6.81 15.98 -0.70
C MET B 377 6.78 17.52 -0.67
N GLU B 378 7.54 18.14 0.24
CA GLU B 378 7.62 19.60 0.30
C GLU B 378 8.14 20.14 -1.05
N ILE B 379 9.19 19.51 -1.56
CA ILE B 379 9.81 19.91 -2.81
C ILE B 379 8.89 19.74 -4.02
N HIS B 380 8.16 18.64 -4.08
CA HIS B 380 7.36 18.32 -5.25
C HIS B 380 5.92 18.74 -5.19
N SER B 381 5.43 19.06 -3.98
CA SER B 381 4.09 19.64 -3.84
C SER B 381 3.90 20.77 -4.83
N LYS B 382 4.99 21.47 -5.16
CA LYS B 382 4.99 22.55 -6.13
C LYS B 382 4.61 22.11 -7.55
N TYR B 383 4.95 20.87 -7.92
CA TYR B 383 4.75 20.38 -9.29
C TYR B 383 3.68 19.29 -9.45
N TRP B 384 3.16 18.76 -8.35
CA TRP B 384 2.19 17.65 -8.40
C TRP B 384 1.00 17.86 -7.49
N ARG B 385 -0.21 17.86 -8.07
CA ARG B 385 -1.44 18.19 -7.33
C ARG B 385 -1.78 17.17 -6.25
N CYS B 386 -1.30 15.95 -6.40
CA CYS B 386 -1.55 14.91 -5.41
C CYS B 386 -0.79 15.14 -4.10
N LEU B 387 0.14 16.10 -4.08
CA LEU B 387 0.97 16.34 -2.90
C LEU B 387 0.79 17.72 -2.23
N GLN B 388 -0.37 18.34 -2.42
CA GLN B 388 -0.63 19.67 -1.83
C GLN B 388 -1.85 19.62 -0.94
#